data_2VCA
#
_entry.id   2VCA
#
_cell.length_a   90.773
_cell.length_b   90.773
_cell.length_c   252.779
_cell.angle_alpha   90.00
_cell.angle_beta   90.00
_cell.angle_gamma   120.00
#
_symmetry.space_group_name_H-M   'P 61'
#
loop_
_entity.id
_entity.type
_entity.pdbx_description
1 polymer ALPHA-N-ACETYLGLUCOSAMINIDASE
2 non-polymer 2-acetamido-2-deoxy-beta-D-glucopyranose
3 non-polymer GLYCEROL
4 non-polymer 'SULFATE ION'
5 non-polymer 'CALCIUM ION'
6 water water
#
_entity_poly.entity_id   1
_entity_poly.type   'polypeptide(L)'
_entity_poly.pdbx_seq_one_letter_code
;GVEITEGVTVTAKGNTEGNTADLAIDGDLSTYWESSNDYKWIEVDLGGIYELSKIEIFNKDEAVYKYNIYASEDGENFNK
IAYKNNDNVSDSNGNMHTIDNVRAGKIRIDVVQNSNSDRVNIAEINVFGKNTGESLPEVKKIATSNFSETPWATEYEKFN
SDSAYANEKTLNEIKNLVGRVIGREFKDKFIFEIRDQLNGNDVFEVSDSGDGKVLIKGNNGVSLASGFNYYLKNYCNVSY
NPIMGSNLKMPETMPSVGERVVIDTPYEHRYALNFCTYSYTMSFWDWDQYEEFLDWCAMNGVNLVLDIIGQEEVLRRTLN
EFGYSDEEVKEFISGPAYFAWFYMQNMTGFGGPLPNDWFEQRAELGRKMHDRMQSFGINPVLQGYSGMVPRDFKEKNQEA
QTISQGGWCGFDRPDMLKTYVNEGEADYFQKVADVFYEKQKEVFGDVTNFYGVDPFHEGGNTGDLDNGKIYEIIQNKMIE
HDNDAVWVIQNWQGNPSNNKLEGLTKKDQAMVLDLFSEVSPDWNRLEERDLPWIWNMLHNFGGRMGMDAAPEKLATEIPK
ALANSEHMVGIGITPEAINTNPLAYELLFDMAWTRDQINFRTWTEDYIERRYGKTNKEILEAWNIILDTAYKKRNDYYQG
AAESIINARPGFGIKSASTWGHSKIVYDKSEFEKAIEIFAKNYDEFKDSDAFLYDFADILKQLLANSAQEYYEVMCNAYN
NGNGEKFKFVSGKFLELIKLQERVLSTRPEFLIGNWIEDARTMLKDSDDWTKDLFEFNARALVTTWGSRNNADGGGLKDY
SNRQWSGLTEDYYYARWEKWINGLQAELDGGAKAPNIDWFKMEYDWVNKKSDTDKLYPTEASNENLGELAKIAMESYSVT
NMDKILGENES
;
_entity_poly.pdbx_strand_id   A
#
# COMPACT_ATOMS: atom_id res chain seq x y z
N GLY A 1 30.80 25.75 24.02
CA GLY A 1 32.01 26.34 23.36
C GLY A 1 33.02 25.27 23.00
N VAL A 2 33.84 25.52 21.97
CA VAL A 2 33.88 26.81 21.27
C VAL A 2 33.13 26.80 19.92
N GLU A 3 32.75 27.97 19.46
CA GLU A 3 31.89 28.13 18.30
C GLU A 3 32.68 27.80 17.07
N ILE A 4 32.00 27.25 16.07
CA ILE A 4 32.67 26.71 14.89
C ILE A 4 32.62 27.69 13.73
N THR A 5 33.51 28.67 13.73
CA THR A 5 33.29 29.92 13.00
C THR A 5 34.12 29.96 11.72
N GLU A 6 34.58 28.79 11.29
CA GLU A 6 35.48 28.71 10.14
C GLU A 6 35.41 27.34 9.48
N GLY A 7 35.12 27.32 8.19
CA GLY A 7 35.27 26.11 7.40
C GLY A 7 33.95 25.40 7.18
N VAL A 8 32.85 26.07 7.46
CA VAL A 8 31.55 25.43 7.57
C VAL A 8 30.68 25.74 6.36
N THR A 9 30.15 24.68 5.74
CA THR A 9 29.41 24.83 4.50
C THR A 9 28.05 24.15 4.69
N VAL A 10 27.13 24.41 3.77
CA VAL A 10 25.76 23.91 3.89
C VAL A 10 25.17 23.58 2.52
N THR A 11 24.27 22.59 2.50
CA THR A 11 23.46 22.28 1.32
C THR A 11 21.98 22.19 1.67
N ALA A 12 21.14 22.40 0.67
CA ALA A 12 19.70 22.11 0.74
C ALA A 12 19.27 21.57 -0.60
N LYS A 13 18.09 20.93 -0.63
CA LYS A 13 17.57 20.34 -1.86
C LYS A 13 16.45 21.19 -2.47
N GLY A 14 16.16 22.32 -1.82
CA GLY A 14 15.21 23.29 -2.35
C GLY A 14 15.23 24.57 -1.55
N ASN A 15 14.92 25.68 -2.22
CA ASN A 15 14.79 26.98 -1.57
C ASN A 15 13.96 27.95 -2.39
N THR A 16 13.26 28.86 -1.72
CA THR A 16 12.56 29.95 -2.40
C THR A 16 13.54 30.99 -2.92
N GLU A 17 13.60 31.66 -3.78
CA GLU A 17 14.42 32.61 -4.53
C GLU A 17 15.06 33.64 -3.60
N GLY A 18 16.00 33.59 -3.60
CA GLY A 18 16.71 34.49 -2.79
C GLY A 18 17.13 33.80 -1.54
N ASN A 19 16.39 32.79 -1.05
CA ASN A 19 16.63 32.38 0.29
C ASN A 19 17.39 31.08 0.32
N THR A 20 18.62 31.14 -0.14
N THR A 20 18.62 31.14 -0.14
CA THR A 20 19.45 29.99 -0.37
CA THR A 20 19.47 30.01 -0.37
C THR A 20 20.05 29.43 0.90
C THR A 20 20.05 29.42 0.91
N ALA A 21 20.46 28.16 0.85
CA ALA A 21 20.99 27.44 2.01
C ALA A 21 22.12 28.15 2.78
N ASP A 22 23.07 28.73 2.03
CA ASP A 22 24.21 29.46 2.62
C ASP A 22 23.79 30.60 3.54
N LEU A 23 22.57 31.09 3.36
CA LEU A 23 22.03 32.17 4.19
C LEU A 23 21.65 31.70 5.60
N ALA A 24 21.66 30.38 5.81
CA ALA A 24 21.49 29.84 7.16
C ALA A 24 22.76 29.96 8.00
N ILE A 25 23.91 30.15 7.35
CA ILE A 25 25.20 30.14 8.03
C ILE A 25 26.10 31.36 7.74
N ASP A 26 25.49 32.49 7.41
CA ASP A 26 26.24 33.68 6.98
C ASP A 26 26.49 34.69 8.11
N GLY A 27 26.14 34.32 9.34
CA GLY A 27 26.33 35.19 10.51
C GLY A 27 25.36 36.35 10.60
N ASP A 28 24.40 36.38 9.69
CA ASP A 28 23.45 37.49 9.55
C ASP A 28 22.05 37.01 9.91
N LEU A 29 21.49 37.57 10.97
CA LEU A 29 20.16 37.19 11.43
C LEU A 29 19.03 37.66 10.52
N SER A 30 19.34 38.58 9.62
CA SER A 30 18.33 39.16 8.73
C SER A 30 18.19 38.42 7.39
N THR A 31 19.05 37.43 7.16
CA THR A 31 18.99 36.60 5.97
C THR A 31 18.72 35.15 6.36
N TYR A 32 18.02 34.41 5.52
CA TYR A 32 17.57 33.06 5.86
C TYR A 32 17.48 32.18 4.63
N TRP A 33 17.88 30.92 4.77
CA TRP A 33 17.32 29.84 3.97
C TRP A 33 15.82 29.72 4.18
N GLU A 34 15.10 29.41 3.11
CA GLU A 34 13.68 29.03 3.21
C GLU A 34 13.33 27.94 2.21
N SER A 35 12.51 26.99 2.64
CA SER A 35 12.21 25.82 1.86
C SER A 35 11.19 26.15 0.80
N SER A 36 11.32 25.51 -0.35
CA SER A 36 10.39 25.73 -1.46
C SER A 36 9.48 24.52 -1.66
N ASN A 37 9.87 23.39 -1.08
CA ASN A 37 9.18 22.13 -1.33
C ASN A 37 9.22 21.20 -0.11
N ASP A 38 9.02 19.92 -0.35
CA ASP A 38 8.78 18.96 0.73
C ASP A 38 10.08 18.48 1.34
N TYR A 39 11.20 18.92 0.77
CA TYR A 39 12.47 18.90 1.47
C TYR A 39 12.61 20.12 2.39
N LYS A 40 12.44 19.89 3.68
CA LYS A 40 12.55 20.94 4.66
C LYS A 40 13.71 20.78 5.61
N TRP A 41 14.79 20.24 5.09
CA TRP A 41 16.02 20.07 5.86
C TRP A 41 17.23 20.64 5.14
N ILE A 42 18.22 21.05 5.94
CA ILE A 42 19.53 21.45 5.44
C ILE A 42 20.60 20.52 6.01
N GLU A 43 21.71 20.41 5.29
CA GLU A 43 22.83 19.61 5.74
C GLU A 43 24.08 20.48 5.88
N VAL A 44 24.60 20.56 7.10
CA VAL A 44 25.78 21.37 7.42
C VAL A 44 27.03 20.50 7.56
N ASP A 45 28.08 20.83 6.78
CA ASP A 45 29.40 20.21 6.97
C ASP A 45 30.23 21.13 7.83
N LEU A 46 30.91 20.56 8.82
CA LEU A 46 31.63 21.35 9.83
C LEU A 46 33.11 21.59 9.50
N GLY A 47 33.58 21.03 8.39
CA GLY A 47 35.00 21.11 8.01
C GLY A 47 35.89 20.24 8.89
N GLY A 48 35.32 19.17 9.41
CA GLY A 48 36.04 18.27 10.31
C GLY A 48 35.10 17.68 11.34
N ILE A 49 35.58 16.67 12.06
CA ILE A 49 34.80 16.04 13.12
C ILE A 49 35.03 16.78 14.43
N TYR A 50 33.92 17.15 15.07
CA TYR A 50 33.92 17.85 16.35
C TYR A 50 33.06 17.09 17.34
N GLU A 51 33.46 17.08 18.61
CA GLU A 51 32.57 16.66 19.69
C GLU A 51 31.67 17.84 20.02
N LEU A 52 30.40 17.74 19.67
CA LEU A 52 29.46 18.85 19.82
C LEU A 52 28.93 18.99 21.23
N SER A 53 28.79 20.23 21.68
CA SER A 53 28.27 20.54 23.02
C SER A 53 26.98 21.36 22.95
N LYS A 54 26.86 22.19 21.91
CA LYS A 54 25.71 23.10 21.76
C LYS A 54 25.35 23.33 20.29
N ILE A 55 24.06 23.43 20.01
CA ILE A 55 23.58 23.92 18.72
C ILE A 55 22.55 25.01 18.98
N GLU A 56 22.73 26.14 18.29
CA GLU A 56 21.87 27.29 18.47
C GLU A 56 21.14 27.60 17.16
N ILE A 57 19.82 27.74 17.24
CA ILE A 57 18.99 27.95 16.05
C ILE A 57 18.17 29.25 16.13
N PHE A 58 18.28 30.07 15.09
CA PHE A 58 17.46 31.26 14.94
C PHE A 58 16.54 31.10 13.75
N ASN A 59 15.30 31.53 13.91
CA ASN A 59 14.34 31.60 12.82
C ASN A 59 14.12 33.05 12.40
N LYS A 60 13.43 33.25 11.28
CA LYS A 60 13.26 34.58 10.70
C LYS A 60 12.18 35.42 11.38
N ASP A 61 11.30 34.77 12.13
CA ASP A 61 10.19 35.45 12.79
C ASP A 61 9.88 34.84 14.15
N GLU A 62 8.68 35.12 14.66
CA GLU A 62 8.26 34.68 15.99
C GLU A 62 7.17 33.59 15.97
N ALA A 63 7.13 32.82 14.90
CA ALA A 63 6.22 31.67 14.82
C ALA A 63 6.70 30.51 15.69
N VAL A 64 5.86 29.49 15.86
CA VAL A 64 6.24 28.28 16.59
C VAL A 64 6.87 27.26 15.63
N TYR A 65 8.12 26.93 15.88
CA TYR A 65 8.86 25.99 15.04
C TYR A 65 9.12 24.69 15.76
N LYS A 66 9.07 23.60 15.02
CA LYS A 66 9.44 22.28 15.54
C LYS A 66 10.41 21.65 14.55
N TYR A 67 11.45 21.01 15.09
CA TYR A 67 12.53 20.47 14.25
C TYR A 67 13.29 19.36 14.92
N ASN A 68 13.93 18.53 14.09
CA ASN A 68 14.75 17.42 14.57
C ASN A 68 16.17 17.56 14.06
N ILE A 69 17.13 17.30 14.94
CA ILE A 69 18.54 17.47 14.61
C ILE A 69 19.29 16.13 14.64
N TYR A 70 20.04 15.87 13.58
CA TYR A 70 20.77 14.62 13.40
C TYR A 70 22.25 14.92 13.14
N ALA A 71 23.11 13.98 13.53
CA ALA A 71 24.55 14.13 13.33
C ALA A 71 25.15 12.87 12.74
N SER A 72 26.26 13.03 12.02
CA SER A 72 27.01 11.91 11.45
C SER A 72 28.51 12.08 11.64
N GLU A 73 29.17 11.03 12.15
CA GLU A 73 30.63 10.98 12.26
C GLU A 73 31.29 10.09 11.19
N ASP A 74 30.48 9.31 10.47
CA ASP A 74 31.02 8.45 9.40
C ASP A 74 30.61 8.87 7.98
N GLY A 75 29.77 9.90 7.89
CA GLY A 75 29.29 10.39 6.60
C GLY A 75 28.15 9.58 5.99
N GLU A 76 27.80 8.47 6.62
CA GLU A 76 26.69 7.63 6.14
C GLU A 76 25.48 7.65 7.07
N ASN A 77 25.72 7.37 8.35
CA ASN A 77 24.67 7.28 9.35
C ASN A 77 24.40 8.60 10.05
N PHE A 78 23.18 9.09 9.90
CA PHE A 78 22.74 10.30 10.58
C PHE A 78 21.78 9.94 11.70
N ASN A 79 22.25 10.12 12.92
CA ASN A 79 21.49 9.76 14.11
C ASN A 79 21.01 10.99 14.86
N LYS A 80 19.86 10.86 15.52
CA LYS A 80 19.19 12.00 16.12
C LYS A 80 19.85 12.37 17.43
N ILE A 81 20.21 13.64 17.57
CA ILE A 81 20.98 14.13 18.73
C ILE A 81 20.23 15.18 19.54
N ALA A 82 19.23 15.81 18.92
CA ALA A 82 18.41 16.83 19.57
C ALA A 82 17.16 17.10 18.75
N TYR A 83 16.19 17.77 19.38
CA TYR A 83 14.93 18.12 18.73
C TYR A 83 14.20 19.19 19.53
N LYS A 84 13.37 19.97 18.84
CA LYS A 84 12.39 20.84 19.49
C LYS A 84 10.99 20.42 19.09
N ASN A 85 10.18 20.04 20.07
CA ASN A 85 8.78 19.69 19.84
C ASN A 85 7.78 20.44 20.74
N ASN A 86 8.29 21.30 21.63
CA ASN A 86 7.42 22.14 22.44
C ASN A 86 6.78 23.27 21.62
N ASP A 87 5.76 23.89 22.18
CA ASP A 87 4.98 24.92 21.51
C ASP A 87 5.51 26.35 21.72
N ASN A 88 6.77 26.48 22.11
CA ASN A 88 7.37 27.78 22.37
C ASN A 88 7.61 28.60 21.09
N VAL A 89 7.28 29.88 21.16
CA VAL A 89 7.55 30.79 20.06
C VAL A 89 9.05 30.99 19.91
N SER A 90 9.50 31.12 18.67
CA SER A 90 10.85 31.59 18.40
C SER A 90 10.92 33.08 18.75
N ASP A 91 12.10 33.52 19.18
CA ASP A 91 12.32 34.94 19.47
C ASP A 91 13.77 35.35 19.15
N SER A 92 14.13 36.58 19.51
CA SER A 92 15.42 37.15 19.15
C SER A 92 16.61 36.53 19.90
N ASN A 93 16.33 35.72 20.91
CA ASN A 93 17.39 35.06 21.67
C ASN A 93 17.82 33.72 21.07
N GLY A 94 17.02 33.19 20.17
CA GLY A 94 17.30 31.89 19.56
C GLY A 94 17.08 30.72 20.50
N ASN A 95 17.11 29.52 19.93
CA ASN A 95 16.96 28.31 20.72
C ASN A 95 18.31 27.64 20.89
N MET A 96 18.69 27.38 22.13
CA MET A 96 19.95 26.74 22.45
C MET A 96 19.72 25.29 22.90
N HIS A 97 20.34 24.35 22.21
CA HIS A 97 20.22 22.94 22.55
C HIS A 97 21.57 22.35 22.95
N THR A 98 21.62 21.77 24.12
CA THR A 98 22.70 20.93 24.59
C THR A 98 22.74 19.57 23.90
N ILE A 99 23.75 19.32 23.12
CA ILE A 99 24.21 17.96 22.86
C ILE A 99 25.23 17.50 23.90
N ASP A 100 25.29 16.20 24.13
CA ASP A 100 26.27 15.63 25.01
C ASP A 100 27.48 15.04 24.37
N ASN A 101 28.38 15.91 23.95
CA ASN A 101 29.64 15.55 23.37
C ASN A 101 29.56 14.48 22.32
N VAL A 102 28.63 14.67 21.42
CA VAL A 102 28.50 13.75 20.29
C VAL A 102 29.47 14.14 19.18
N ARG A 103 30.23 13.16 18.68
CA ARG A 103 31.10 13.32 17.52
C ARG A 103 30.27 13.57 16.25
N ALA A 104 30.62 14.63 15.52
CA ALA A 104 29.92 14.96 14.27
C ALA A 104 30.81 15.70 13.28
N GLY A 105 30.82 15.21 12.04
CA GLY A 105 31.43 15.91 10.92
C GLY A 105 30.37 16.63 10.10
N LYS A 106 29.15 16.08 10.13
CA LYS A 106 27.99 16.68 9.47
C LYS A 106 26.77 16.69 10.38
N ILE A 107 25.86 17.63 10.11
CA ILE A 107 24.61 17.77 10.86
C ILE A 107 23.44 17.98 9.90
N ARG A 108 22.30 17.34 10.18
CA ARG A 108 21.06 17.65 9.49
C ARG A 108 20.03 18.27 10.42
N ILE A 109 19.34 19.30 9.93
CA ILE A 109 18.28 19.96 10.68
C ILE A 109 17.01 19.91 9.83
N ASP A 110 16.03 19.14 10.29
CA ASP A 110 14.78 18.97 9.58
C ASP A 110 13.69 19.73 10.33
N VAL A 111 13.23 20.82 9.72
CA VAL A 111 12.20 21.66 10.32
C VAL A 111 10.84 21.17 9.81
N VAL A 112 10.15 20.45 10.67
CA VAL A 112 8.93 19.74 10.29
C VAL A 112 7.67 20.61 10.44
N GLN A 113 7.77 21.67 11.24
CA GLN A 113 6.63 22.57 11.47
C GLN A 113 7.00 24.04 11.54
N ASN A 114 6.18 24.86 10.89
CA ASN A 114 6.13 26.30 11.09
C ASN A 114 4.66 26.67 11.27
N SER A 115 4.29 27.14 12.45
CA SER A 115 2.88 27.49 12.74
C SER A 115 2.31 28.59 11.82
N ASN A 116 3.19 29.36 11.20
CA ASN A 116 2.82 30.52 10.40
C ASN A 116 2.72 30.24 8.89
N SER A 117 3.42 29.19 8.45
CA SER A 117 3.54 28.92 7.02
C SER A 117 3.77 27.44 6.72
N ASP A 118 3.46 27.03 5.50
CA ASP A 118 3.87 25.74 4.96
C ASP A 118 5.38 25.69 4.76
N ARG A 119 5.97 26.84 4.49
CA ARG A 119 7.39 26.98 4.40
C ARG A 119 8.11 27.12 5.70
N VAL A 120 9.25 26.50 5.77
CA VAL A 120 10.08 26.60 6.96
C VAL A 120 11.34 27.42 6.66
N ASN A 121 12.03 27.84 7.72
CA ASN A 121 13.23 28.65 7.55
C ASN A 121 14.24 28.48 8.68
N ILE A 122 15.50 28.78 8.39
CA ILE A 122 16.54 28.95 9.40
C ILE A 122 17.28 30.24 9.08
N ALA A 123 17.20 31.21 9.99
CA ALA A 123 17.92 32.48 9.85
C ALA A 123 19.40 32.28 10.12
N GLU A 124 19.72 31.64 11.24
CA GLU A 124 21.10 31.29 11.58
C GLU A 124 21.17 29.98 12.36
N ILE A 125 22.26 29.27 12.16
CA ILE A 125 22.59 28.12 12.99
C ILE A 125 24.05 28.20 13.44
N ASN A 126 24.26 28.19 14.76
CA ASN A 126 25.58 28.17 15.34
C ASN A 126 25.88 26.81 15.97
N VAL A 127 27.07 26.29 15.70
CA VAL A 127 27.47 25.00 16.23
C VAL A 127 28.69 25.20 17.14
N PHE A 128 28.65 24.60 18.32
CA PHE A 128 29.71 24.73 19.32
C PHE A 128 30.26 23.34 19.67
N GLY A 129 31.58 23.24 19.76
CA GLY A 129 32.20 21.96 20.10
C GLY A 129 33.71 21.97 20.05
N LYS A 130 34.30 20.79 20.24
CA LYS A 130 35.75 20.63 20.29
C LYS A 130 36.25 19.79 19.12
N ASN A 131 37.21 20.34 18.38
CA ASN A 131 37.79 19.68 17.20
C ASN A 131 38.48 18.37 17.57
N THR A 132 38.22 17.31 16.86
CA THR A 132 38.84 16.06 17.20
C THR A 132 40.14 15.84 16.47
N GLY A 133 40.35 16.61 15.44
CA GLY A 133 41.49 16.45 14.59
C GLY A 133 41.22 15.55 13.44
N GLU A 134 40.06 14.93 13.43
CA GLU A 134 39.80 13.96 12.42
C GLU A 134 38.91 14.53 11.35
N SER A 135 38.84 13.83 10.23
CA SER A 135 37.99 14.14 9.14
C SER A 135 37.09 12.94 8.86
N LEU A 136 35.90 13.16 8.34
CA LEU A 136 35.06 12.13 7.74
C LEU A 136 35.74 11.30 6.70
N PRO A 137 35.38 10.05 6.65
CA PRO A 137 35.57 9.25 5.46
C PRO A 137 34.66 9.64 4.28
N GLU A 138 35.01 9.17 3.09
CA GLU A 138 34.05 8.98 2.02
C GLU A 138 33.27 7.77 2.35
N VAL A 139 31.95 7.92 2.43
CA VAL A 139 30.97 7.34 1.52
C VAL A 139 31.54 6.59 0.33
N LYS A 140 31.49 5.30 0.34
CA LYS A 140 31.76 4.62 -0.91
C LYS A 140 30.51 4.64 -1.77
N LYS A 141 30.70 4.64 -3.09
CA LYS A 141 29.58 4.77 -4.02
C LYS A 141 28.68 3.54 -3.91
N ILE A 142 27.40 3.75 -4.22
CA ILE A 142 26.44 2.64 -4.30
C ILE A 142 26.97 1.60 -5.28
N ALA A 143 27.07 0.37 -4.80
CA ALA A 143 27.53 -0.74 -5.64
C ALA A 143 26.55 -1.89 -5.50
N THR A 144 26.09 -2.40 -6.63
CA THR A 144 25.25 -3.58 -6.66
C THR A 144 25.83 -4.63 -7.58
N SER A 145 25.53 -5.89 -7.30
CA SER A 145 26.00 -7.00 -8.11
C SER A 145 25.15 -7.16 -9.37
N ASN A 146 25.79 -7.61 -10.44
CA ASN A 146 25.06 -8.02 -11.64
C ASN A 146 24.52 -9.43 -11.43
N PHE A 147 23.27 -9.65 -11.85
CA PHE A 147 22.60 -10.94 -11.68
C PHE A 147 23.49 -12.14 -12.06
N SER A 148 24.05 -12.08 -13.27
CA SER A 148 24.88 -13.16 -13.82
C SER A 148 26.06 -13.53 -12.92
N GLU A 149 26.43 -12.63 -12.01
CA GLU A 149 27.58 -12.85 -11.14
C GLU A 149 27.17 -13.46 -9.80
N THR A 150 25.87 -13.53 -9.54
CA THR A 150 25.36 -13.99 -8.26
C THR A 150 25.02 -15.48 -8.27
N PRO A 151 24.94 -16.10 -7.07
CA PRO A 151 24.44 -17.47 -6.94
C PRO A 151 22.99 -17.64 -7.42
N TRP A 152 22.23 -16.55 -7.48
CA TRP A 152 20.86 -16.59 -7.99
C TRP A 152 20.79 -16.98 -9.46
N ALA A 153 21.78 -16.51 -10.24
CA ALA A 153 21.85 -16.82 -11.67
C ALA A 153 22.16 -18.29 -11.92
N THR A 154 23.13 -18.82 -11.17
CA THR A 154 23.47 -20.24 -11.22
C THR A 154 22.24 -21.11 -10.95
N GLU A 155 21.50 -20.78 -9.89
CA GLU A 155 20.29 -21.51 -9.50
C GLU A 155 19.16 -21.37 -10.53
N TYR A 156 18.96 -20.16 -11.05
CA TYR A 156 17.92 -19.92 -12.06
C TYR A 156 18.16 -20.72 -13.34
N GLU A 157 19.43 -20.79 -13.76
CA GLU A 157 19.81 -21.51 -14.97
C GLU A 157 19.72 -23.01 -14.78
N LYS A 158 20.11 -23.48 -13.60
CA LYS A 158 20.04 -24.90 -13.25
C LYS A 158 18.61 -25.42 -13.32
N PHE A 159 17.69 -24.68 -12.71
CA PHE A 159 16.26 -24.99 -12.77
C PHE A 159 15.76 -25.00 -14.22
N ASN A 160 16.22 -24.03 -15.01
CA ASN A 160 15.86 -23.92 -16.43
C ASN A 160 16.31 -25.08 -17.31
N SER A 161 17.53 -25.56 -17.06
CA SER A 161 18.21 -26.51 -17.94
C SER A 161 18.15 -27.97 -17.49
N ASP A 162 17.74 -28.18 -16.24
CA ASP A 162 17.74 -29.52 -15.65
C ASP A 162 16.36 -29.85 -15.07
N SER A 163 15.61 -30.68 -15.80
CA SER A 163 14.24 -31.06 -15.44
C SER A 163 14.15 -31.80 -14.10
N ALA A 164 15.05 -32.75 -13.90
CA ALA A 164 15.09 -33.53 -12.66
C ALA A 164 15.32 -32.61 -11.46
N TYR A 165 16.26 -31.67 -11.62
CA TYR A 165 16.57 -30.72 -10.57
C TYR A 165 15.40 -29.77 -10.29
N ALA A 166 14.79 -29.26 -11.36
CA ALA A 166 13.64 -28.36 -11.27
C ALA A 166 12.48 -29.03 -10.55
N ASN A 167 12.20 -30.27 -10.93
CA ASN A 167 11.09 -31.02 -10.33
C ASN A 167 11.33 -31.28 -8.86
N GLU A 168 12.55 -31.67 -8.51
CA GLU A 168 12.94 -31.89 -7.13
C GLU A 168 12.84 -30.60 -6.29
N LYS A 169 13.28 -29.49 -6.89
CA LYS A 169 13.17 -28.16 -6.28
C LYS A 169 11.71 -27.81 -5.98
N THR A 170 10.86 -27.92 -7.00
CA THR A 170 9.43 -27.63 -6.89
C THR A 170 8.75 -28.49 -5.83
N LEU A 171 8.92 -29.80 -5.94
CA LEU A 171 8.29 -30.74 -5.02
C LEU A 171 8.72 -30.52 -3.57
N ASN A 172 10.01 -30.26 -3.36
CA ASN A 172 10.53 -29.94 -2.04
C ASN A 172 9.98 -28.61 -1.49
N GLU A 173 9.87 -27.60 -2.37
CA GLU A 173 9.27 -26.31 -2.00
C GLU A 173 7.82 -26.43 -1.58
N ILE A 174 7.05 -27.28 -2.28
CA ILE A 174 5.66 -27.49 -1.93
C ILE A 174 5.54 -28.15 -0.56
N LYS A 175 6.46 -29.07 -0.26
CA LYS A 175 6.56 -29.67 1.08
C LYS A 175 6.92 -28.61 2.13
N ASN A 176 7.86 -27.73 1.80
CA ASN A 176 8.20 -26.61 2.67
C ASN A 176 6.99 -25.69 2.93
N LEU A 177 6.17 -25.50 1.89
CA LEU A 177 4.94 -24.72 1.99
C LEU A 177 3.95 -25.35 2.98
N VAL A 178 3.78 -26.67 2.90
CA VAL A 178 2.90 -27.41 3.81
C VAL A 178 3.34 -27.18 5.26
N GLY A 179 4.64 -27.30 5.51
CA GLY A 179 5.23 -27.07 6.82
C GLY A 179 4.99 -25.67 7.36
N ARG A 180 5.09 -24.67 6.50
CA ARG A 180 4.84 -23.27 6.88
C ARG A 180 3.36 -22.99 7.15
N VAL A 181 2.48 -23.63 6.40
CA VAL A 181 1.04 -23.35 6.47
C VAL A 181 0.34 -24.05 7.64
N ILE A 182 0.51 -25.36 7.76
CA ILE A 182 -0.18 -26.15 8.79
C ILE A 182 0.75 -26.78 9.85
N GLY A 183 2.05 -26.76 9.60
CA GLY A 183 3.01 -27.34 10.54
C GLY A 183 3.91 -28.40 9.93
N ARG A 184 5.13 -28.44 10.42
CA ARG A 184 6.14 -29.33 9.96
C ARG A 184 5.76 -30.79 10.14
N GLU A 185 4.98 -31.06 11.17
CA GLU A 185 4.51 -32.39 11.53
C GLU A 185 3.52 -32.98 10.52
N PHE A 186 3.11 -32.19 9.54
CA PHE A 186 2.15 -32.63 8.51
C PHE A 186 2.79 -32.84 7.13
N LYS A 187 4.08 -32.52 7.01
CA LYS A 187 4.79 -32.63 5.74
C LYS A 187 4.78 -34.06 5.17
N ASP A 188 5.05 -35.04 6.04
CA ASP A 188 5.14 -36.45 5.64
C ASP A 188 3.79 -37.14 5.38
N LYS A 189 2.69 -36.41 5.56
CA LYS A 189 1.35 -36.96 5.32
C LYS A 189 0.89 -36.76 3.86
N PHE A 190 1.73 -36.09 3.07
CA PHE A 190 1.43 -35.76 1.69
C PHE A 190 2.47 -36.30 0.73
N ILE A 191 2.03 -36.79 -0.43
CA ILE A 191 2.92 -37.17 -1.51
C ILE A 191 2.57 -36.30 -2.72
N PHE A 192 3.56 -35.57 -3.23
CA PHE A 192 3.35 -34.68 -4.37
C PHE A 192 3.98 -35.22 -5.65
N GLU A 193 3.24 -35.08 -6.75
CA GLU A 193 3.68 -35.54 -8.07
C GLU A 193 3.42 -34.50 -9.14
N ILE A 194 4.38 -34.32 -10.04
CA ILE A 194 4.15 -33.53 -11.25
C ILE A 194 3.41 -34.40 -12.26
N ARG A 195 2.42 -33.81 -12.93
CA ARG A 195 1.81 -34.44 -14.09
C ARG A 195 1.75 -33.44 -15.24
N ASP A 196 1.14 -33.84 -16.35
CA ASP A 196 0.98 -32.95 -17.50
C ASP A 196 -0.29 -32.10 -17.34
N GLN A 197 -0.50 -31.16 -18.26
CA GLN A 197 -1.74 -30.38 -18.28
C GLN A 197 -2.90 -31.25 -18.73
N LEU A 198 -4.12 -30.85 -18.38
CA LEU A 198 -5.33 -31.51 -18.85
C LEU A 198 -5.90 -30.72 -20.02
N ASN A 199 -5.73 -31.26 -21.22
CA ASN A 199 -6.19 -30.63 -22.46
C ASN A 199 -5.73 -29.18 -22.62
N GLY A 200 -4.47 -28.91 -22.28
CA GLY A 200 -3.90 -27.56 -22.36
C GLY A 200 -4.20 -26.64 -21.17
N ASN A 201 -4.83 -27.20 -20.12
CA ASN A 201 -5.22 -26.43 -18.95
C ASN A 201 -4.53 -26.88 -17.68
N ASP A 202 -4.26 -25.93 -16.78
CA ASP A 202 -3.72 -26.25 -15.46
C ASP A 202 -4.70 -27.12 -14.68
N VAL A 203 -4.16 -28.05 -13.90
CA VAL A 203 -4.95 -29.13 -13.32
C VAL A 203 -4.30 -29.66 -12.05
N PHE A 204 -5.13 -30.05 -11.08
CA PHE A 204 -4.64 -30.83 -9.95
C PHE A 204 -5.49 -32.07 -9.69
N GLU A 205 -4.92 -33.01 -8.94
CA GLU A 205 -5.63 -34.20 -8.48
C GLU A 205 -5.42 -34.42 -6.99
N VAL A 206 -6.46 -34.88 -6.30
CA VAL A 206 -6.32 -35.29 -4.90
CA VAL A 206 -6.37 -35.27 -4.89
C VAL A 206 -6.95 -36.67 -4.71
N SER A 207 -6.20 -37.55 -4.05
CA SER A 207 -6.62 -38.94 -3.85
C SER A 207 -5.87 -39.57 -2.68
N ASP A 208 -6.32 -40.77 -2.29
CA ASP A 208 -5.67 -41.51 -1.22
C ASP A 208 -4.48 -42.29 -1.77
N SER A 209 -3.40 -42.33 -0.98
CA SER A 209 -2.18 -43.03 -1.39
C SER A 209 -2.32 -44.56 -1.28
N GLY A 210 -3.18 -45.00 -0.37
CA GLY A 210 -3.36 -46.42 -0.09
C GLY A 210 -2.79 -46.81 1.27
N ASP A 211 -1.98 -45.92 1.84
CA ASP A 211 -1.40 -46.13 3.17
C ASP A 211 -1.67 -44.98 4.15
N GLY A 212 -2.75 -44.25 3.91
CA GLY A 212 -3.18 -43.21 4.84
C GLY A 212 -2.63 -41.83 4.54
N LYS A 213 -1.87 -41.70 3.45
CA LYS A 213 -1.31 -40.42 3.03
C LYS A 213 -2.13 -39.81 1.89
N VAL A 214 -1.93 -38.51 1.67
CA VAL A 214 -2.69 -37.80 0.63
C VAL A 214 -1.83 -37.57 -0.60
N LEU A 215 -2.29 -38.12 -1.73
CA LEU A 215 -1.56 -37.98 -2.99
C LEU A 215 -2.12 -36.80 -3.77
N ILE A 216 -1.25 -35.84 -4.05
CA ILE A 216 -1.63 -34.64 -4.78
C ILE A 216 -0.79 -34.49 -6.03
N LYS A 217 -1.47 -34.40 -7.17
CA LYS A 217 -0.82 -34.16 -8.45
C LYS A 217 -1.10 -32.73 -8.93
N GLY A 218 -0.16 -32.19 -9.69
CA GLY A 218 -0.32 -30.87 -10.32
C GLY A 218 0.67 -30.70 -11.45
N ASN A 219 0.29 -29.96 -12.49
CA ASN A 219 1.21 -29.72 -13.61
C ASN A 219 2.39 -28.81 -13.27
N ASN A 220 2.20 -27.98 -12.23
CA ASN A 220 3.26 -27.13 -11.70
C ASN A 220 3.06 -26.87 -10.21
N GLY A 221 3.96 -26.09 -9.60
CA GLY A 221 3.89 -25.75 -8.18
C GLY A 221 2.58 -25.16 -7.73
N VAL A 222 2.03 -24.21 -8.51
CA VAL A 222 0.74 -23.60 -8.14
C VAL A 222 -0.45 -24.57 -8.23
N SER A 223 -0.44 -25.46 -9.22
CA SER A 223 -1.45 -26.52 -9.29
C SER A 223 -1.35 -27.42 -8.05
N LEU A 224 -0.12 -27.76 -7.66
CA LEU A 224 0.15 -28.59 -6.49
C LEU A 224 -0.32 -27.95 -5.19
N ALA A 225 0.02 -26.67 -5.01
CA ALA A 225 -0.42 -25.92 -3.83
C ALA A 225 -1.93 -25.70 -3.81
N SER A 226 -2.53 -25.57 -4.99
CA SER A 226 -3.99 -25.44 -5.13
C SER A 226 -4.70 -26.74 -4.76
N GLY A 227 -4.05 -27.87 -5.05
CA GLY A 227 -4.56 -29.19 -4.67
C GLY A 227 -4.50 -29.42 -3.17
N PHE A 228 -3.39 -28.99 -2.57
CA PHE A 228 -3.23 -28.98 -1.13
C PHE A 228 -4.32 -28.13 -0.46
N ASN A 229 -4.54 -26.93 -1.00
CA ASN A 229 -5.59 -26.04 -0.52
C ASN A 229 -6.99 -26.66 -0.67
N TYR A 230 -7.25 -27.26 -1.84
CA TYR A 230 -8.50 -27.96 -2.07
C TYR A 230 -8.75 -29.06 -1.03
N TYR A 231 -7.69 -29.81 -0.70
CA TYR A 231 -7.80 -30.86 0.31
C TYR A 231 -8.15 -30.31 1.69
N LEU A 232 -7.39 -29.29 2.13
CA LEU A 232 -7.62 -28.64 3.43
C LEU A 232 -9.04 -28.11 3.56
N LYS A 233 -9.52 -27.43 2.51
CA LYS A 233 -10.81 -26.75 2.54
C LYS A 233 -11.99 -27.71 2.48
N ASN A 234 -11.84 -28.76 1.67
CA ASN A 234 -12.95 -29.68 1.39
C ASN A 234 -12.96 -30.95 2.27
N TYR A 235 -11.83 -31.26 2.90
CA TYR A 235 -11.73 -32.48 3.70
C TYR A 235 -11.35 -32.22 5.16
N CYS A 236 -10.59 -31.15 5.40
CA CYS A 236 -10.08 -30.86 6.74
C CYS A 236 -10.80 -29.72 7.44
N ASN A 237 -11.72 -29.07 6.71
CA ASN A 237 -12.45 -27.91 7.23
C ASN A 237 -11.48 -26.82 7.71
N VAL A 238 -10.41 -26.64 6.93
CA VAL A 238 -9.33 -25.73 7.25
C VAL A 238 -9.32 -24.58 6.23
N SER A 239 -8.98 -23.38 6.71
CA SER A 239 -9.00 -22.17 5.89
C SER A 239 -7.76 -21.34 6.17
N TYR A 240 -6.92 -21.16 5.16
CA TYR A 240 -5.68 -20.38 5.29
C TYR A 240 -5.80 -18.98 4.70
N ASN A 241 -5.69 -17.98 5.56
CA ASN A 241 -5.55 -16.60 5.15
C ASN A 241 -4.62 -15.88 6.12
N PRO A 242 -3.33 -15.76 5.76
CA PRO A 242 -2.31 -15.23 6.67
C PRO A 242 -2.48 -13.74 7.01
N ILE A 243 -3.29 -13.03 6.24
CA ILE A 243 -3.51 -11.61 6.44
C ILE A 243 -4.85 -11.32 7.15
N MET A 244 -5.86 -12.14 6.88
CA MET A 244 -7.24 -11.84 7.33
C MET A 244 -7.91 -12.99 8.09
N GLY A 245 -7.13 -13.71 8.89
CA GLY A 245 -7.69 -14.77 9.74
C GLY A 245 -7.73 -16.15 9.11
N SER A 246 -7.18 -17.13 9.83
CA SER A 246 -7.13 -18.52 9.40
C SER A 246 -7.80 -19.46 10.41
N ASN A 247 -8.15 -20.64 9.93
CA ASN A 247 -8.41 -21.80 10.80
C ASN A 247 -7.50 -22.92 10.34
N LEU A 248 -6.49 -23.20 11.14
CA LEU A 248 -5.45 -24.16 10.78
C LEU A 248 -5.47 -25.40 11.67
N LYS A 249 -6.54 -25.54 12.45
CA LYS A 249 -6.71 -26.70 13.34
C LYS A 249 -6.99 -27.95 12.51
N MET A 250 -5.98 -28.81 12.41
CA MET A 250 -6.07 -30.03 11.63
C MET A 250 -6.77 -31.13 12.43
N PRO A 251 -7.52 -32.02 11.74
CA PRO A 251 -8.08 -33.21 12.37
C PRO A 251 -7.00 -34.10 12.99
N GLU A 252 -7.42 -34.89 13.93
CA GLU A 252 -6.59 -35.76 14.69
C GLU A 252 -5.97 -36.85 13.82
N THR A 253 -6.77 -37.36 12.89
CA THR A 253 -6.37 -38.27 11.83
C THR A 253 -6.58 -37.58 10.48
N MET A 254 -5.64 -37.78 9.56
CA MET A 254 -5.77 -37.25 8.20
C MET A 254 -7.00 -37.84 7.54
N PRO A 255 -8.00 -36.98 7.20
CA PRO A 255 -9.23 -37.45 6.57
C PRO A 255 -8.96 -38.13 5.22
N SER A 256 -9.72 -39.17 4.91
CA SER A 256 -9.61 -39.86 3.63
C SER A 256 -10.30 -39.05 2.52
N VAL A 257 -9.72 -39.11 1.32
CA VAL A 257 -10.26 -38.42 0.15
C VAL A 257 -11.51 -39.16 -0.37
N GLY A 258 -11.41 -40.49 -0.44
CA GLY A 258 -12.46 -41.31 -1.05
C GLY A 258 -12.28 -41.32 -2.54
N GLU A 259 -13.35 -40.99 -3.28
CA GLU A 259 -13.26 -40.87 -4.73
C GLU A 259 -12.19 -39.83 -5.11
N ARG A 260 -11.30 -40.23 -6.02
CA ARG A 260 -10.27 -39.34 -6.57
C ARG A 260 -10.92 -38.14 -7.27
N VAL A 261 -10.32 -36.96 -7.10
CA VAL A 261 -10.81 -35.79 -7.83
C VAL A 261 -9.74 -35.25 -8.77
N VAL A 262 -10.19 -34.81 -9.94
CA VAL A 262 -9.33 -34.14 -10.92
C VAL A 262 -10.01 -32.81 -11.20
N ILE A 263 -9.32 -31.71 -10.90
CA ILE A 263 -9.88 -30.37 -11.11
C ILE A 263 -8.98 -29.55 -12.01
N ASP A 264 -9.54 -28.99 -13.08
CA ASP A 264 -8.78 -28.08 -13.94
C ASP A 264 -9.34 -26.65 -13.93
N THR A 265 -8.61 -25.75 -14.56
CA THR A 265 -9.06 -24.36 -14.76
C THR A 265 -8.98 -23.99 -16.23
N PRO A 266 -10.04 -23.37 -16.78
CA PRO A 266 -10.01 -22.93 -18.18
C PRO A 266 -9.15 -21.67 -18.41
N TYR A 267 -8.68 -21.04 -17.34
CA TYR A 267 -7.96 -19.76 -17.45
C TYR A 267 -6.44 -19.94 -17.48
N GLU A 268 -5.80 -19.36 -18.50
CA GLU A 268 -4.34 -19.38 -18.57
C GLU A 268 -3.72 -18.61 -17.40
N HIS A 269 -4.35 -17.49 -17.03
CA HIS A 269 -3.81 -16.66 -15.97
C HIS A 269 -4.77 -16.45 -14.80
N ARG A 270 -4.21 -16.46 -13.60
CA ARG A 270 -4.89 -15.95 -12.42
C ARG A 270 -4.01 -14.85 -11.84
N TYR A 271 -4.47 -13.62 -11.97
CA TYR A 271 -3.63 -12.45 -11.73
C TYR A 271 -3.82 -11.86 -10.33
N ALA A 272 -2.74 -11.34 -9.76
CA ALA A 272 -2.85 -10.60 -8.50
C ALA A 272 -2.04 -9.30 -8.51
N LEU A 273 -2.63 -8.29 -7.88
CA LEU A 273 -1.94 -7.06 -7.44
C LEU A 273 -2.16 -5.83 -8.32
N ASN A 274 -2.54 -4.74 -7.66
CA ASN A 274 -2.58 -3.40 -8.22
C ASN A 274 -1.21 -2.79 -7.94
N PHE A 275 -0.78 -1.83 -8.76
CA PHE A 275 0.38 -1.00 -8.40
C PHE A 275 0.19 -0.46 -6.98
N CYS A 276 -1.03 -0.04 -6.69
CA CYS A 276 -1.39 0.53 -5.40
C CYS A 276 -1.15 -0.41 -4.21
N THR A 277 -1.27 -1.73 -4.44
CA THR A 277 -1.06 -2.71 -3.35
C THR A 277 0.34 -2.61 -2.75
N TYR A 278 1.31 -2.26 -3.60
CA TYR A 278 2.70 -2.10 -3.19
C TYR A 278 2.94 -0.92 -2.25
N SER A 279 1.94 -0.04 -2.15
CA SER A 279 2.00 1.13 -1.31
C SER A 279 1.04 1.06 -0.12
N TYR A 280 -0.25 0.86 -0.40
CA TYR A 280 -1.25 0.82 0.69
C TYR A 280 -1.09 -0.38 1.65
N THR A 281 -0.50 -1.47 1.16
CA THR A 281 -0.32 -2.68 1.96
C THR A 281 1.16 -3.06 2.16
N MET A 282 1.87 -3.23 1.04
CA MET A 282 3.16 -3.94 1.02
C MET A 282 4.39 -3.06 1.26
N SER A 283 4.18 -1.76 1.44
CA SER A 283 5.28 -0.78 1.58
C SER A 283 6.44 -1.28 2.45
N PHE A 284 6.11 -1.83 3.61
CA PHE A 284 7.10 -2.14 4.64
C PHE A 284 7.19 -3.64 4.93
N TRP A 285 6.81 -4.46 3.96
CA TRP A 285 6.94 -5.92 4.08
C TRP A 285 8.40 -6.39 4.10
N ASP A 286 8.68 -7.39 4.93
CA ASP A 286 9.96 -8.11 4.85
C ASP A 286 9.79 -9.38 4.02
N TRP A 287 10.85 -10.18 3.89
CA TRP A 287 10.77 -11.45 3.16
C TRP A 287 9.77 -12.42 3.78
N ASP A 288 9.70 -12.47 5.11
CA ASP A 288 8.73 -13.31 5.82
C ASP A 288 7.30 -13.07 5.35
N GLN A 289 6.93 -11.80 5.23
CA GLN A 289 5.59 -11.42 4.76
C GLN A 289 5.38 -11.74 3.28
N TYR A 290 6.41 -11.49 2.46
CA TYR A 290 6.36 -11.86 1.04
C TYR A 290 6.25 -13.37 0.81
N GLU A 291 6.97 -14.15 1.60
CA GLU A 291 6.92 -15.62 1.53
C GLU A 291 5.52 -16.14 1.85
N GLU A 292 4.93 -15.59 2.89
CA GLU A 292 3.56 -15.90 3.30
C GLU A 292 2.58 -15.62 2.17
N PHE A 293 2.75 -14.46 1.54
CA PHE A 293 1.90 -14.00 0.44
C PHE A 293 1.96 -14.93 -0.77
N LEU A 294 3.16 -15.33 -1.15
CA LEU A 294 3.35 -16.26 -2.26
C LEU A 294 2.78 -17.65 -1.98
N ASP A 295 2.89 -18.11 -0.73
CA ASP A 295 2.25 -19.37 -0.31
C ASP A 295 0.74 -19.29 -0.49
N TRP A 296 0.15 -18.19 -0.01
CA TRP A 296 -1.28 -17.92 -0.18
C TRP A 296 -1.66 -17.84 -1.67
N CYS A 297 -0.82 -17.16 -2.46
CA CYS A 297 -1.01 -17.05 -3.92
C CYS A 297 -1.07 -18.41 -4.59
N ALA A 298 -0.01 -19.20 -4.43
CA ALA A 298 0.07 -20.56 -4.99
C ALA A 298 -1.16 -21.41 -4.63
N MET A 299 -1.51 -21.39 -3.34
CA MET A 299 -2.68 -22.12 -2.82
C MET A 299 -3.99 -21.64 -3.43
N ASN A 300 -4.04 -20.36 -3.77
CA ASN A 300 -5.22 -19.79 -4.41
C ASN A 300 -5.16 -19.74 -5.93
N GLY A 301 -4.23 -20.50 -6.50
CA GLY A 301 -4.14 -20.68 -7.95
C GLY A 301 -3.47 -19.57 -8.72
N VAL A 302 -2.97 -18.56 -8.00
CA VAL A 302 -2.37 -17.38 -8.62
C VAL A 302 -1.07 -17.77 -9.35
N ASN A 303 -0.95 -17.36 -10.62
CA ASN A 303 0.24 -17.65 -11.42
C ASN A 303 0.80 -16.45 -12.20
N LEU A 304 0.26 -15.27 -11.92
CA LEU A 304 0.70 -14.02 -12.57
C LEU A 304 0.61 -12.86 -11.57
N VAL A 305 1.75 -12.27 -11.23
CA VAL A 305 1.82 -11.31 -10.12
C VAL A 305 2.62 -10.07 -10.52
N LEU A 306 2.03 -8.88 -10.38
CA LEU A 306 2.76 -7.63 -10.59
C LEU A 306 3.97 -7.55 -9.65
N ASP A 307 5.12 -7.18 -10.21
CA ASP A 307 6.38 -7.19 -9.48
C ASP A 307 7.22 -5.93 -9.78
N ILE A 308 7.31 -5.04 -8.80
CA ILE A 308 8.12 -3.81 -8.92
C ILE A 308 9.26 -3.77 -7.91
N ILE A 309 9.45 -4.88 -7.18
CA ILE A 309 10.49 -4.94 -6.16
C ILE A 309 11.87 -4.68 -6.75
N GLY A 310 12.58 -3.68 -6.19
CA GLY A 310 13.94 -3.36 -6.59
C GLY A 310 14.09 -2.64 -7.92
N GLN A 311 12.98 -2.15 -8.47
CA GLN A 311 13.01 -1.40 -9.72
C GLN A 311 13.82 -0.10 -9.63
N GLU A 312 14.02 0.39 -8.40
CA GLU A 312 14.82 1.58 -8.13
C GLU A 312 16.27 1.40 -8.57
N GLU A 313 16.77 0.18 -8.45
CA GLU A 313 18.12 -0.15 -8.93
C GLU A 313 18.20 -0.16 -10.46
N VAL A 314 17.16 -0.70 -11.10
CA VAL A 314 17.06 -0.69 -12.56
C VAL A 314 17.06 0.76 -13.09
N LEU A 315 16.26 1.61 -12.46
CA LEU A 315 16.16 3.04 -12.80
C LEU A 315 17.49 3.76 -12.56
N ARG A 316 18.12 3.48 -11.43
CA ARG A 316 19.43 4.03 -11.08
C ARG A 316 20.48 3.78 -12.18
N ARG A 317 20.60 2.52 -12.60
CA ARG A 317 21.57 2.13 -13.63
C ARG A 317 21.24 2.76 -14.97
N THR A 318 19.95 2.90 -15.27
CA THR A 318 19.47 3.53 -16.49
C THR A 318 19.81 5.02 -16.52
N LEU A 319 19.42 5.75 -15.48
CA LEU A 319 19.64 7.21 -15.46
C LEU A 319 21.10 7.61 -15.29
N ASN A 320 21.89 6.74 -14.67
CA ASN A 320 23.35 6.93 -14.58
C ASN A 320 24.03 7.08 -15.93
N GLU A 321 23.37 6.58 -16.98
CA GLU A 321 23.88 6.59 -18.35
C GLU A 321 23.47 7.85 -19.10
N PHE A 322 22.58 8.63 -18.49
CA PHE A 322 22.07 9.85 -19.11
C PHE A 322 22.27 11.08 -18.22
N GLY A 323 23.41 11.08 -17.52
CA GLY A 323 23.88 12.27 -16.81
C GLY A 323 23.39 12.48 -15.39
N TYR A 324 22.77 11.45 -14.81
CA TYR A 324 22.26 11.53 -13.43
C TYR A 324 23.21 10.86 -12.45
N SER A 325 23.61 11.59 -11.41
CA SER A 325 24.36 11.01 -10.30
C SER A 325 23.40 10.17 -9.45
N ASP A 326 23.94 9.39 -8.52
CA ASP A 326 23.11 8.61 -7.60
C ASP A 326 22.27 9.52 -6.72
N GLU A 327 22.83 10.64 -6.28
CA GLU A 327 22.08 11.59 -5.46
C GLU A 327 20.87 12.20 -6.19
N GLU A 328 21.04 12.50 -7.47
CA GLU A 328 19.96 13.04 -8.29
C GLU A 328 18.87 12.00 -8.54
N VAL A 329 19.29 10.75 -8.75
CA VAL A 329 18.37 9.62 -8.87
C VAL A 329 17.50 9.46 -7.60
N LYS A 330 18.14 9.57 -6.44
CA LYS A 330 17.45 9.51 -5.14
C LYS A 330 16.41 10.62 -4.93
N GLU A 331 16.71 11.80 -5.48
CA GLU A 331 15.78 12.93 -5.45
C GLU A 331 14.59 12.73 -6.38
N PHE A 332 14.83 12.06 -7.50
CA PHE A 332 13.76 11.74 -8.46
C PHE A 332 12.79 10.69 -7.90
N ILE A 333 13.35 9.59 -7.38
CA ILE A 333 12.55 8.50 -6.83
C ILE A 333 11.80 8.95 -5.57
N SER A 334 10.57 8.48 -5.42
CA SER A 334 9.74 8.73 -4.25
C SER A 334 10.26 8.00 -3.01
N GLY A 335 9.57 8.19 -1.89
CA GLY A 335 9.80 7.39 -0.68
C GLY A 335 9.13 6.04 -0.74
N PRO A 336 9.38 5.18 0.26
CA PRO A 336 8.96 3.77 0.26
C PRO A 336 7.44 3.54 0.27
N ALA A 337 6.67 4.55 0.64
CA ALA A 337 5.21 4.41 0.69
C ALA A 337 4.51 4.88 -0.59
N TYR A 338 5.28 5.27 -1.59
CA TYR A 338 4.70 5.92 -2.78
C TYR A 338 5.09 5.34 -4.14
N PHE A 339 5.66 4.15 -4.15
CA PHE A 339 6.10 3.51 -5.40
C PHE A 339 4.98 3.25 -6.42
N ALA A 340 3.77 3.05 -5.93
CA ALA A 340 2.62 2.84 -6.81
C ALA A 340 2.51 3.97 -7.82
N TRP A 341 2.57 5.20 -7.31
CA TRP A 341 2.32 6.39 -8.13
C TRP A 341 3.57 6.93 -8.77
N PHE A 342 4.73 6.55 -8.24
CA PHE A 342 5.99 6.79 -8.91
C PHE A 342 6.07 5.97 -10.21
N TYR A 343 5.81 4.66 -10.11
CA TYR A 343 5.87 3.80 -11.30
C TYR A 343 4.71 3.96 -12.28
N MET A 344 3.59 4.50 -11.82
CA MET A 344 2.50 4.89 -12.73
C MET A 344 2.63 6.30 -13.29
N GLN A 345 3.80 6.91 -13.07
CA GLN A 345 4.18 8.20 -13.67
C GLN A 345 3.29 9.38 -13.20
N ASN A 346 2.87 9.32 -11.94
CA ASN A 346 2.00 10.33 -11.34
C ASN A 346 2.71 11.33 -10.43
N MET A 347 3.85 10.92 -9.85
CA MET A 347 4.54 11.72 -8.83
C MET A 347 6.02 11.34 -8.69
N THR A 348 6.81 12.26 -8.13
CA THR A 348 8.25 12.05 -7.94
C THR A 348 8.69 12.61 -6.59
N GLY A 349 9.82 12.10 -6.09
CA GLY A 349 10.52 12.71 -4.97
C GLY A 349 9.91 12.59 -3.58
N PHE A 350 8.61 12.84 -3.47
CA PHE A 350 7.94 12.89 -2.17
C PHE A 350 8.14 11.62 -1.35
N GLY A 351 8.63 11.79 -0.12
CA GLY A 351 8.89 10.68 0.80
C GLY A 351 10.34 10.26 0.85
N GLY A 352 11.08 10.63 -0.19
CA GLY A 352 12.52 10.36 -0.27
C GLY A 352 13.34 11.46 0.39
N PRO A 353 14.66 11.41 0.23
CA PRO A 353 15.41 10.38 -0.52
C PRO A 353 15.54 9.07 0.23
N LEU A 354 15.45 7.97 -0.51
CA LEU A 354 15.81 6.63 -0.05
C LEU A 354 17.27 6.58 0.41
N PRO A 355 17.60 5.69 1.37
CA PRO A 355 19.01 5.57 1.80
C PRO A 355 19.87 4.87 0.76
N ASN A 356 21.19 5.05 0.84
CA ASN A 356 22.11 4.44 -0.13
C ASN A 356 22.02 2.90 -0.14
N ASP A 357 21.80 2.32 1.03
CA ASP A 357 21.66 0.85 1.24
C ASP A 357 20.43 0.23 0.60
N TRP A 358 19.45 1.06 0.26
CA TRP A 358 18.17 0.61 -0.31
C TRP A 358 18.36 -0.28 -1.54
N PHE A 359 19.18 0.18 -2.48
CA PHE A 359 19.32 -0.41 -3.80
C PHE A 359 19.75 -1.88 -3.81
N GLU A 360 20.80 -2.21 -3.06
CA GLU A 360 21.27 -3.59 -2.95
C GLU A 360 20.25 -4.50 -2.26
N GLN A 361 19.62 -3.99 -1.19
CA GLN A 361 18.68 -4.78 -0.39
C GLN A 361 17.41 -5.17 -1.15
N ARG A 362 16.90 -4.25 -1.98
CA ARG A 362 15.69 -4.52 -2.76
C ARG A 362 15.96 -5.37 -3.98
N ALA A 363 17.13 -5.18 -4.60
CA ALA A 363 17.54 -6.02 -5.71
C ALA A 363 17.68 -7.48 -5.24
N GLU A 364 18.23 -7.66 -4.04
CA GLU A 364 18.36 -8.98 -3.42
C GLU A 364 16.98 -9.59 -3.11
N LEU A 365 16.08 -8.80 -2.53
CA LEU A 365 14.71 -9.22 -2.25
C LEU A 365 13.95 -9.63 -3.52
N GLY A 366 14.11 -8.85 -4.58
CA GLY A 366 13.55 -9.16 -5.90
C GLY A 366 14.06 -10.47 -6.48
N ARG A 367 15.36 -10.72 -6.33
CA ARG A 367 15.99 -11.95 -6.77
C ARG A 367 15.46 -13.16 -6.00
N LYS A 368 15.36 -12.99 -4.69
CA LYS A 368 14.82 -14.00 -3.78
C LYS A 368 13.37 -14.36 -4.15
N MET A 369 12.56 -13.34 -4.47
CA MET A 369 11.19 -13.56 -4.93
C MET A 369 11.13 -14.35 -6.24
N HIS A 370 12.01 -14.03 -7.19
CA HIS A 370 11.99 -14.68 -8.51
C HIS A 370 12.37 -16.16 -8.45
N ASP A 371 13.26 -16.49 -7.52
CA ASP A 371 13.62 -17.88 -7.22
C ASP A 371 12.41 -18.67 -6.73
N ARG A 372 11.68 -18.12 -5.76
CA ARG A 372 10.48 -18.77 -5.22
C ARG A 372 9.34 -18.84 -6.24
N MET A 373 9.19 -17.77 -7.03
CA MET A 373 8.20 -17.75 -8.11
C MET A 373 8.52 -18.81 -9.17
N GLN A 374 9.79 -18.95 -9.50
CA GLN A 374 10.22 -19.98 -10.45
C GLN A 374 9.84 -21.37 -9.94
N SER A 375 10.13 -21.64 -8.67
CA SER A 375 9.77 -22.92 -8.05
C SER A 375 8.30 -23.27 -8.21
N PHE A 376 7.43 -22.30 -7.96
CA PHE A 376 5.98 -22.50 -8.01
C PHE A 376 5.43 -22.43 -9.43
N GLY A 377 6.13 -21.74 -10.32
CA GLY A 377 5.59 -21.50 -11.67
C GLY A 377 4.72 -20.25 -11.71
N ILE A 378 5.04 -19.29 -10.86
CA ILE A 378 4.37 -17.98 -10.88
C ILE A 378 5.14 -17.02 -11.77
N ASN A 379 4.46 -16.46 -12.77
CA ASN A 379 5.06 -15.45 -13.63
C ASN A 379 4.98 -14.07 -12.98
N PRO A 380 6.14 -13.44 -12.73
CA PRO A 380 6.10 -12.03 -12.33
C PRO A 380 5.83 -11.13 -13.53
N VAL A 381 5.20 -10.00 -13.30
CA VAL A 381 5.07 -8.96 -14.32
C VAL A 381 6.10 -7.90 -13.98
N LEU A 382 7.16 -7.82 -14.78
CA LEU A 382 8.18 -6.80 -14.58
C LEU A 382 7.79 -5.52 -15.32
N GLN A 383 8.72 -4.59 -15.47
CA GLN A 383 8.42 -3.28 -16.03
C GLN A 383 8.64 -3.17 -17.54
N GLY A 384 7.76 -2.43 -18.20
CA GLY A 384 7.99 -1.99 -19.58
C GLY A 384 8.51 -0.55 -19.52
N TYR A 385 8.85 0.01 -20.68
CA TYR A 385 9.25 1.41 -20.73
C TYR A 385 8.44 2.20 -21.77
N SER A 386 7.89 3.33 -21.35
CA SER A 386 7.01 4.14 -22.21
C SER A 386 7.50 5.57 -22.46
N GLY A 387 8.63 5.94 -21.83
CA GLY A 387 9.21 7.27 -22.07
C GLY A 387 9.36 8.17 -20.85
N MET A 388 9.06 7.64 -19.67
CA MET A 388 9.15 8.38 -18.41
C MET A 388 10.58 8.86 -18.16
N VAL A 389 10.73 10.16 -17.91
CA VAL A 389 12.03 10.75 -17.56
C VAL A 389 11.83 11.89 -16.56
N PRO A 390 12.87 12.24 -15.78
CA PRO A 390 12.73 13.42 -14.94
C PRO A 390 12.48 14.71 -15.74
N ARG A 391 11.97 15.74 -15.08
CA ARG A 391 11.68 17.03 -15.71
C ARG A 391 12.93 17.77 -16.18
N ASP A 392 14.10 17.42 -15.64
CA ASP A 392 15.36 18.03 -16.07
C ASP A 392 16.14 17.18 -17.08
N PHE A 393 15.47 16.22 -17.72
CA PHE A 393 16.14 15.31 -18.64
C PHE A 393 16.78 16.05 -19.83
N LYS A 394 16.05 17.02 -20.40
CA LYS A 394 16.57 17.84 -21.50
C LYS A 394 17.75 18.70 -21.09
N GLU A 395 17.72 19.23 -19.86
CA GLU A 395 18.83 20.01 -19.32
C GLU A 395 20.13 19.22 -19.42
N LYS A 396 20.04 17.92 -19.11
CA LYS A 396 21.18 17.02 -19.09
C LYS A 396 21.42 16.35 -20.45
N ASN A 397 20.37 16.28 -21.27
CA ASN A 397 20.44 15.67 -22.59
C ASN A 397 19.72 16.55 -23.60
N GLN A 398 20.44 17.55 -24.11
CA GLN A 398 19.85 18.68 -24.85
C GLN A 398 19.12 18.32 -26.14
N GLU A 399 19.50 17.20 -26.75
CA GLU A 399 18.87 16.75 -27.99
C GLU A 399 17.60 15.92 -27.75
N ALA A 400 17.33 15.58 -26.49
CA ALA A 400 16.12 14.82 -26.16
C ALA A 400 14.88 15.68 -26.36
N GLN A 401 13.82 15.06 -26.88
CA GLN A 401 12.53 15.73 -27.05
C GLN A 401 11.54 15.18 -26.02
N THR A 402 10.93 16.08 -25.25
CA THR A 402 10.03 15.69 -24.16
C THR A 402 8.66 16.39 -24.20
N ILE A 403 7.70 15.79 -23.52
CA ILE A 403 6.36 16.34 -23.36
C ILE A 403 6.09 16.51 -21.86
N SER A 404 5.84 17.75 -21.43
CA SER A 404 5.43 18.00 -20.05
C SER A 404 4.08 17.33 -19.78
N GLN A 405 3.99 16.60 -18.67
CA GLN A 405 2.80 15.81 -18.34
C GLN A 405 1.88 16.51 -17.37
N GLY A 406 2.29 17.68 -16.89
CA GLY A 406 1.49 18.49 -15.98
C GLY A 406 1.42 17.89 -14.58
N GLY A 407 0.28 18.09 -13.93
CA GLY A 407 0.12 17.68 -12.54
C GLY A 407 -0.79 16.50 -12.32
N TRP A 408 -0.60 15.84 -11.18
CA TRP A 408 -1.50 14.81 -10.69
C TRP A 408 -1.64 15.02 -9.19
N CYS A 409 -2.87 15.34 -8.76
CA CYS A 409 -3.18 15.60 -7.35
C CYS A 409 -2.20 16.56 -6.68
N GLY A 410 -1.81 17.61 -7.41
CA GLY A 410 -0.84 18.58 -6.90
C GLY A 410 0.62 18.18 -6.99
N PHE A 411 0.90 16.95 -7.44
CA PHE A 411 2.27 16.53 -7.70
C PHE A 411 2.67 16.85 -9.13
N ASP A 412 3.93 17.23 -9.32
CA ASP A 412 4.50 17.35 -10.65
C ASP A 412 4.75 15.96 -11.25
N ARG A 413 4.06 15.64 -12.34
CA ARG A 413 4.32 14.40 -13.05
C ARG A 413 5.69 14.47 -13.72
N PRO A 414 6.38 13.32 -13.87
CA PRO A 414 7.62 13.34 -14.62
C PRO A 414 7.32 13.64 -16.09
N ASP A 415 8.35 14.00 -16.87
CA ASP A 415 8.18 14.22 -18.29
C ASP A 415 8.00 12.90 -19.02
N MET A 416 7.60 12.97 -20.28
CA MET A 416 7.56 11.81 -21.15
C MET A 416 8.31 12.14 -22.43
N LEU A 417 9.31 11.32 -22.76
CA LEU A 417 10.02 11.39 -24.03
C LEU A 417 9.03 11.24 -25.17
N LYS A 418 9.17 12.07 -26.21
CA LYS A 418 8.38 11.87 -27.43
C LYS A 418 8.66 10.49 -27.99
N THR A 419 7.59 9.70 -28.17
CA THR A 419 7.72 8.29 -28.53
C THR A 419 8.35 8.12 -29.92
N TYR A 420 8.13 9.13 -30.76
CA TYR A 420 8.81 9.26 -32.04
C TYR A 420 9.10 10.72 -32.29
N VAL A 421 10.11 10.98 -33.12
CA VAL A 421 10.51 12.34 -33.46
C VAL A 421 10.64 12.50 -34.98
N ASN A 422 10.94 13.72 -35.42
CA ASN A 422 11.12 14.00 -36.84
C ASN A 422 12.46 13.47 -37.34
N GLU A 423 12.58 13.24 -38.64
CA GLU A 423 13.89 13.03 -39.25
C GLU A 423 14.76 14.24 -38.92
N GLY A 424 16.01 13.98 -38.53
CA GLY A 424 16.93 15.04 -38.13
C GLY A 424 17.06 15.22 -36.61
N GLU A 425 16.07 14.72 -35.87
CA GLU A 425 16.07 14.81 -34.41
C GLU A 425 16.63 13.53 -33.77
N ALA A 426 17.23 13.66 -32.60
CA ALA A 426 17.70 12.50 -31.85
C ALA A 426 16.51 11.80 -31.19
N ASP A 427 16.49 10.47 -31.27
CA ASP A 427 15.39 9.69 -30.72
C ASP A 427 15.80 9.07 -29.38
N TYR A 428 15.60 9.83 -28.31
CA TYR A 428 15.93 9.39 -26.96
C TYR A 428 14.98 8.34 -26.38
N PHE A 429 13.76 8.23 -26.89
CA PHE A 429 12.92 7.11 -26.49
C PHE A 429 13.64 5.79 -26.83
N GLN A 430 14.14 5.69 -28.06
CA GLN A 430 14.87 4.49 -28.48
C GLN A 430 16.11 4.28 -27.62
N LYS A 431 16.86 5.36 -27.36
CA LYS A 431 18.07 5.32 -26.55
C LYS A 431 17.82 4.84 -25.11
N VAL A 432 16.88 5.49 -24.42
CA VAL A 432 16.59 5.19 -23.02
C VAL A 432 15.89 3.83 -22.85
N ALA A 433 14.97 3.52 -23.76
CA ALA A 433 14.28 2.22 -23.77
C ALA A 433 15.26 1.06 -23.90
N ASP A 434 16.23 1.18 -24.82
CA ASP A 434 17.24 0.16 -25.02
C ASP A 434 18.04 -0.04 -23.75
N VAL A 435 18.46 1.06 -23.12
CA VAL A 435 19.16 1.00 -21.86
C VAL A 435 18.28 0.43 -20.72
N PHE A 436 17.03 0.87 -20.62
CA PHE A 436 16.12 0.35 -19.59
C PHE A 436 15.98 -1.17 -19.61
N TYR A 437 15.68 -1.73 -20.78
CA TYR A 437 15.41 -3.15 -20.91
C TYR A 437 16.68 -3.98 -20.69
N GLU A 438 17.83 -3.35 -20.91
CA GLU A 438 19.11 -4.04 -20.73
C GLU A 438 19.55 -4.00 -19.27
N LYS A 439 19.26 -2.89 -18.60
CA LYS A 439 19.55 -2.76 -17.17
C LYS A 439 18.64 -3.64 -16.33
N GLN A 440 17.38 -3.79 -16.74
CA GLN A 440 16.44 -4.68 -16.06
C GLN A 440 16.93 -6.13 -16.12
N LYS A 441 17.42 -6.54 -17.28
CA LYS A 441 18.13 -7.82 -17.48
C LYS A 441 19.34 -7.99 -16.55
N GLU A 442 20.18 -6.97 -16.46
CA GLU A 442 21.39 -7.03 -15.65
C GLU A 442 21.09 -7.23 -14.17
N VAL A 443 19.95 -6.71 -13.72
CA VAL A 443 19.60 -6.74 -12.30
C VAL A 443 18.86 -8.02 -11.89
N PHE A 444 17.95 -8.50 -12.74
CA PHE A 444 17.13 -9.68 -12.42
C PHE A 444 17.26 -10.87 -13.36
N GLY A 445 17.86 -10.64 -14.53
CA GLY A 445 17.94 -11.67 -15.57
C GLY A 445 16.64 -11.90 -16.30
N ASP A 446 16.60 -12.96 -17.12
CA ASP A 446 15.43 -13.33 -17.91
C ASP A 446 14.40 -14.12 -17.10
N VAL A 447 13.58 -13.41 -16.32
CA VAL A 447 12.66 -14.08 -15.40
C VAL A 447 11.21 -14.17 -15.88
N THR A 448 10.88 -13.43 -16.94
CA THR A 448 9.49 -13.34 -17.41
C THR A 448 9.38 -12.86 -18.86
N ASN A 449 8.23 -13.13 -19.48
CA ASN A 449 7.85 -12.52 -20.76
C ASN A 449 6.78 -11.43 -20.57
N PHE A 450 6.40 -11.18 -19.31
CA PHE A 450 5.32 -10.22 -19.02
C PHE A 450 5.86 -8.91 -18.45
N TYR A 451 5.51 -7.81 -19.13
CA TYR A 451 6.01 -6.47 -18.76
C TYR A 451 4.86 -5.48 -18.69
N GLY A 452 4.81 -4.72 -17.60
CA GLY A 452 3.74 -3.74 -17.39
C GLY A 452 4.22 -2.30 -17.45
N VAL A 453 3.50 -1.47 -18.20
CA VAL A 453 3.74 -0.03 -18.26
C VAL A 453 2.47 0.66 -18.74
N ASP A 454 2.20 1.85 -18.21
CA ASP A 454 0.93 2.54 -18.43
C ASP A 454 1.13 4.04 -18.62
N PRO A 455 1.48 4.47 -19.84
CA PRO A 455 1.55 5.92 -20.10
C PRO A 455 0.16 6.56 -19.97
N PHE A 456 0.13 7.84 -19.60
CA PHE A 456 -1.10 8.62 -19.48
C PHE A 456 -2.09 8.03 -18.47
N HIS A 457 -1.57 7.48 -17.38
CA HIS A 457 -2.40 6.92 -16.33
C HIS A 457 -2.94 8.06 -15.48
N GLU A 458 -4.27 8.20 -15.48
CA GLU A 458 -4.96 9.28 -14.77
C GLU A 458 -4.49 10.69 -15.18
N GLY A 459 -4.20 10.86 -16.46
CA GLY A 459 -3.91 12.17 -17.02
C GLY A 459 -2.68 12.18 -17.88
N GLY A 460 -1.84 13.19 -17.68
CA GLY A 460 -0.66 13.38 -18.53
C GLY A 460 -1.05 14.18 -19.75
N ASN A 461 -0.26 14.04 -20.81
CA ASN A 461 -0.44 14.84 -22.02
C ASN A 461 0.19 14.15 -23.22
N THR A 462 -0.60 13.93 -24.26
CA THR A 462 -0.11 13.25 -25.46
C THR A 462 0.59 14.21 -26.45
N GLY A 463 0.61 15.51 -26.11
CA GLY A 463 1.27 16.52 -26.93
C GLY A 463 0.79 16.57 -28.38
N ASP A 464 1.74 16.57 -29.31
CA ASP A 464 1.43 16.57 -30.74
C ASP A 464 1.29 15.15 -31.32
N LEU A 465 1.47 14.14 -30.48
CA LEU A 465 1.66 12.78 -30.97
C LEU A 465 0.35 12.04 -31.30
N ASP A 466 0.46 11.10 -32.22
CA ASP A 466 -0.63 10.22 -32.59
C ASP A 466 -0.76 9.10 -31.55
N ASN A 467 -1.94 8.98 -30.96
CA ASN A 467 -2.23 8.00 -29.91
C ASN A 467 -1.94 6.55 -30.29
N GLY A 468 -2.42 6.12 -31.45
CA GLY A 468 -2.20 4.76 -31.95
C GLY A 468 -0.73 4.46 -32.18
N LYS A 469 -0.04 5.40 -32.82
CA LYS A 469 1.39 5.27 -33.09
C LYS A 469 2.24 5.13 -31.81
N ILE A 470 1.87 5.88 -30.76
CA ILE A 470 2.55 5.79 -29.46
C ILE A 470 2.56 4.34 -28.95
N TYR A 471 1.39 3.70 -28.95
CA TYR A 471 1.25 2.33 -28.46
C TYR A 471 1.92 1.30 -29.35
N GLU A 472 1.94 1.56 -30.67
CA GLU A 472 2.66 0.71 -31.62
C GLU A 472 4.16 0.65 -31.32
N ILE A 473 4.75 1.83 -31.10
CA ILE A 473 6.20 1.94 -30.91
C ILE A 473 6.66 1.41 -29.55
N ILE A 474 5.87 1.66 -28.50
CA ILE A 474 6.14 1.08 -27.18
C ILE A 474 6.13 -0.46 -27.22
N GLN A 475 5.11 -1.04 -27.84
CA GLN A 475 5.02 -2.49 -27.99
C GLN A 475 6.18 -3.05 -28.83
N ASN A 476 6.47 -2.40 -29.94
CA ASN A 476 7.56 -2.82 -30.82
C ASN A 476 8.91 -2.81 -30.12
N LYS A 477 9.18 -1.74 -29.38
CA LYS A 477 10.38 -1.65 -28.55
C LYS A 477 10.46 -2.78 -27.53
N MET A 478 9.33 -3.07 -26.87
CA MET A 478 9.27 -4.16 -25.89
C MET A 478 9.58 -5.53 -26.52
N ILE A 479 8.99 -5.80 -27.68
CA ILE A 479 9.18 -7.08 -28.38
C ILE A 479 10.60 -7.23 -28.93
N GLU A 480 11.21 -6.10 -29.27
CA GLU A 480 12.61 -6.03 -29.68
C GLU A 480 13.57 -6.63 -28.66
N HIS A 481 13.32 -6.37 -27.37
CA HIS A 481 14.19 -6.88 -26.31
C HIS A 481 13.75 -8.25 -25.75
N ASP A 482 12.53 -8.67 -26.10
CA ASP A 482 12.02 -9.99 -25.74
C ASP A 482 10.97 -10.36 -26.79
N ASN A 483 11.33 -11.24 -27.72
CA ASN A 483 10.42 -11.63 -28.80
C ASN A 483 9.10 -12.23 -28.34
N ASP A 484 9.09 -12.79 -27.14
CA ASP A 484 7.89 -13.41 -26.56
C ASP A 484 7.18 -12.47 -25.57
N ALA A 485 7.58 -11.20 -25.58
CA ALA A 485 7.03 -10.19 -24.66
C ALA A 485 5.50 -10.07 -24.77
N VAL A 486 4.86 -9.91 -23.62
CA VAL A 486 3.43 -9.61 -23.55
C VAL A 486 3.29 -8.34 -22.72
N TRP A 487 2.78 -7.28 -23.34
CA TRP A 487 2.58 -5.99 -22.66
C TRP A 487 1.29 -6.02 -21.85
N VAL A 488 1.43 -5.98 -20.52
CA VAL A 488 0.30 -5.98 -19.61
C VAL A 488 -0.18 -4.54 -19.38
N ILE A 489 -1.42 -4.27 -19.79
CA ILE A 489 -1.98 -2.92 -19.80
C ILE A 489 -3.20 -2.81 -18.88
N GLN A 490 -3.23 -1.79 -18.03
CA GLN A 490 -4.40 -1.55 -17.18
C GLN A 490 -5.51 -0.87 -17.96
N ASN A 491 -6.73 -1.35 -17.80
CA ASN A 491 -7.92 -0.66 -18.34
C ASN A 491 -8.61 0.04 -17.17
N TRP A 492 -8.48 1.37 -17.13
CA TRP A 492 -9.02 2.15 -16.03
C TRP A 492 -9.76 3.38 -16.55
N GLN A 493 -11.04 3.48 -16.17
CA GLN A 493 -11.95 4.57 -16.55
C GLN A 493 -12.02 4.89 -18.05
N GLY A 494 -12.01 3.84 -18.87
CA GLY A 494 -12.14 3.97 -20.32
C GLY A 494 -10.84 4.28 -21.04
N ASN A 495 -9.74 4.22 -20.30
CA ASN A 495 -8.43 4.50 -20.86
C ASN A 495 -7.49 3.31 -20.62
N PRO A 496 -6.64 2.96 -21.60
CA PRO A 496 -6.42 3.62 -22.90
C PRO A 496 -7.61 3.54 -23.84
N SER A 497 -7.84 4.59 -24.60
CA SER A 497 -8.91 4.66 -25.59
C SER A 497 -8.78 3.57 -26.65
N ASN A 498 -9.89 3.30 -27.33
CA ASN A 498 -9.91 2.26 -28.36
C ASN A 498 -8.74 2.38 -29.33
N ASN A 499 -8.34 3.60 -29.63
CA ASN A 499 -7.51 3.87 -30.80
C ASN A 499 -6.07 4.19 -30.41
N LYS A 500 -5.82 4.33 -29.11
CA LYS A 500 -4.57 3.86 -28.51
C LYS A 500 -4.41 2.36 -28.67
N LEU A 501 -5.43 1.60 -28.26
CA LEU A 501 -5.37 0.17 -28.25
C LEU A 501 -5.29 -0.42 -29.63
N GLU A 502 -5.96 0.19 -30.59
CA GLU A 502 -5.89 -0.21 -32.00
C GLU A 502 -4.49 -0.03 -32.58
N GLY A 503 -3.66 0.76 -31.90
CA GLY A 503 -2.25 0.92 -32.25
C GLY A 503 -1.40 -0.33 -32.05
N LEU A 504 -1.84 -1.25 -31.19
CA LEU A 504 -1.13 -2.52 -31.00
C LEU A 504 -1.22 -3.38 -32.25
N THR A 505 -0.08 -3.54 -32.94
CA THR A 505 -0.01 -4.34 -34.17
C THR A 505 0.02 -5.84 -33.89
N LYS A 506 0.48 -6.21 -32.71
CA LYS A 506 0.56 -7.61 -32.29
C LYS A 506 -0.40 -7.89 -31.12
N LYS A 507 -1.65 -8.18 -31.44
CA LYS A 507 -2.70 -8.27 -30.43
C LYS A 507 -2.40 -9.38 -29.44
N ASP A 508 -1.76 -10.44 -29.90
CA ASP A 508 -1.54 -11.63 -29.07
C ASP A 508 -0.45 -11.38 -28.05
N GLN A 509 0.32 -10.32 -28.24
CA GLN A 509 1.38 -9.94 -27.30
C GLN A 509 1.04 -8.62 -26.61
N ALA A 510 -0.25 -8.33 -26.48
CA ALA A 510 -0.75 -7.50 -25.38
C ALA A 510 -1.72 -8.29 -24.50
N MET A 511 -1.85 -7.85 -23.26
CA MET A 511 -2.90 -8.35 -22.37
C MET A 511 -3.47 -7.25 -21.50
N VAL A 512 -4.77 -7.01 -21.62
CA VAL A 512 -5.41 -5.89 -20.93
C VAL A 512 -6.09 -6.35 -19.64
N LEU A 513 -5.75 -5.70 -18.53
CA LEU A 513 -6.43 -5.95 -17.26
C LEU A 513 -7.65 -5.07 -17.14
N ASP A 514 -8.84 -5.67 -17.22
CA ASP A 514 -10.07 -4.95 -16.92
C ASP A 514 -10.13 -4.79 -15.39
N LEU A 515 -9.81 -3.59 -14.93
CA LEU A 515 -9.46 -3.38 -13.52
C LEU A 515 -10.60 -3.55 -12.53
N PHE A 516 -11.81 -3.24 -12.98
CA PHE A 516 -12.96 -3.02 -12.09
C PHE A 516 -14.18 -3.82 -12.55
N SER A 517 -13.96 -5.08 -12.92
CA SER A 517 -14.99 -5.91 -13.55
C SER A 517 -16.21 -6.22 -12.68
N GLU A 518 -16.06 -6.17 -11.35
CA GLU A 518 -17.16 -6.52 -10.44
C GLU A 518 -18.10 -5.34 -10.12
N VAL A 519 -17.75 -4.14 -10.58
CA VAL A 519 -18.58 -2.95 -10.36
C VAL A 519 -18.81 -2.21 -11.68
N SER A 520 -17.75 -2.08 -12.47
CA SER A 520 -17.82 -1.33 -13.72
C SER A 520 -17.07 -2.05 -14.85
N PRO A 521 -17.60 -3.21 -15.32
CA PRO A 521 -16.87 -3.99 -16.34
C PRO A 521 -16.75 -3.21 -17.65
N ASP A 522 -15.63 -3.39 -18.34
CA ASP A 522 -15.34 -2.63 -19.55
C ASP A 522 -14.52 -3.48 -20.54
N TRP A 523 -14.84 -4.77 -20.58
CA TRP A 523 -14.12 -5.70 -21.44
C TRP A 523 -14.72 -5.90 -22.83
N ASN A 524 -15.94 -5.40 -23.06
CA ASN A 524 -16.57 -5.56 -24.36
C ASN A 524 -15.73 -4.95 -25.49
N ARG A 525 -15.21 -3.74 -25.25
CA ARG A 525 -14.35 -3.02 -26.19
C ARG A 525 -13.07 -3.76 -26.50
N LEU A 526 -12.57 -4.52 -25.51
CA LEU A 526 -11.35 -5.30 -25.63
C LEU A 526 -11.62 -6.59 -26.41
N GLU A 527 -12.68 -7.29 -26.04
CA GLU A 527 -13.11 -8.49 -26.76
C GLU A 527 -13.37 -8.18 -28.23
N GLU A 528 -13.90 -6.99 -28.49
CA GLU A 528 -14.29 -6.59 -29.84
C GLU A 528 -13.06 -6.37 -30.73
N ARG A 529 -11.92 -6.09 -30.09
CA ARG A 529 -10.69 -5.83 -30.81
C ARG A 529 -9.72 -6.99 -30.68
N ASP A 530 -10.23 -8.17 -30.32
CA ASP A 530 -9.43 -9.39 -30.26
C ASP A 530 -8.20 -9.28 -29.33
N LEU A 531 -8.36 -8.49 -28.28
CA LEU A 531 -7.30 -8.25 -27.30
C LEU A 531 -7.46 -9.23 -26.13
N PRO A 532 -6.40 -10.02 -25.83
CA PRO A 532 -6.41 -10.86 -24.64
C PRO A 532 -6.66 -9.99 -23.41
N TRP A 533 -7.55 -10.44 -22.53
CA TRP A 533 -7.91 -9.64 -21.37
C TRP A 533 -8.22 -10.51 -20.14
N ILE A 534 -8.13 -9.87 -18.97
CA ILE A 534 -8.34 -10.53 -17.68
C ILE A 534 -9.48 -9.82 -16.92
N TRP A 535 -10.40 -10.60 -16.39
CA TRP A 535 -11.52 -10.13 -15.56
C TRP A 535 -11.02 -9.98 -14.12
N ASN A 536 -11.09 -8.76 -13.59
CA ASN A 536 -10.55 -8.51 -12.24
C ASN A 536 -11.56 -7.97 -11.24
N MET A 537 -11.48 -8.46 -10.01
CA MET A 537 -12.18 -7.85 -8.89
C MET A 537 -11.26 -6.83 -8.24
N LEU A 538 -11.65 -5.56 -8.26
CA LEU A 538 -10.85 -4.50 -7.63
C LEU A 538 -11.17 -4.44 -6.14
N HIS A 539 -12.45 -4.21 -5.84
CA HIS A 539 -13.00 -4.28 -4.48
C HIS A 539 -12.53 -3.23 -3.47
N ASN A 540 -11.22 -3.15 -3.25
CA ASN A 540 -10.68 -2.33 -2.18
C ASN A 540 -10.02 -1.08 -2.74
N PHE A 541 -10.44 0.07 -2.21
CA PHE A 541 -9.86 1.36 -2.54
C PHE A 541 -9.15 1.97 -1.32
N GLY A 542 -7.87 2.27 -1.48
CA GLY A 542 -7.07 2.96 -0.45
C GLY A 542 -6.88 2.25 0.88
N GLY A 543 -7.25 0.97 0.93
CA GLY A 543 -7.26 0.22 2.19
C GLY A 543 -8.38 0.65 3.14
N ARG A 544 -9.36 1.38 2.62
CA ARG A 544 -10.49 1.86 3.41
C ARG A 544 -11.36 0.68 3.81
N MET A 545 -11.81 0.69 5.06
CA MET A 545 -12.42 -0.49 5.66
C MET A 545 -13.95 -0.41 5.77
N GLY A 546 -14.56 -1.57 5.97
CA GLY A 546 -16.01 -1.69 6.06
C GLY A 546 -16.47 -2.98 5.43
N MET A 547 -17.67 -3.41 5.78
CA MET A 547 -18.25 -4.63 5.23
C MET A 547 -18.79 -4.36 3.83
N ASP A 548 -18.13 -4.96 2.84
CA ASP A 548 -18.39 -4.69 1.44
C ASP A 548 -17.82 -5.83 0.59
N ALA A 549 -18.68 -6.43 -0.22
CA ALA A 549 -18.31 -7.51 -1.14
C ALA A 549 -19.43 -7.76 -2.14
N ALA A 550 -19.07 -8.32 -3.28
CA ALA A 550 -20.03 -8.64 -4.34
C ALA A 550 -20.04 -10.14 -4.68
N PRO A 551 -20.37 -11.00 -3.70
CA PRO A 551 -20.24 -12.45 -3.91
C PRO A 551 -21.13 -13.02 -5.03
N GLU A 552 -22.38 -12.56 -5.11
CA GLU A 552 -23.30 -13.00 -6.17
C GLU A 552 -22.77 -12.75 -7.58
N LYS A 553 -22.28 -11.53 -7.83
CA LYS A 553 -21.65 -11.19 -9.11
C LYS A 553 -20.45 -12.10 -9.44
N LEU A 554 -19.58 -12.32 -8.46
CA LEU A 554 -18.41 -13.17 -8.65
C LEU A 554 -18.81 -14.59 -9.03
N ALA A 555 -19.85 -15.10 -8.36
CA ALA A 555 -20.33 -16.46 -8.55
C ALA A 555 -21.08 -16.64 -9.88
N THR A 556 -21.49 -15.51 -10.48
CA THR A 556 -22.32 -15.56 -11.69
C THR A 556 -21.66 -14.94 -12.93
N GLU A 557 -21.18 -13.71 -12.79
CA GLU A 557 -20.68 -12.92 -13.93
C GLU A 557 -19.37 -13.43 -14.53
N ILE A 558 -18.56 -14.10 -13.72
CA ILE A 558 -17.29 -14.66 -14.20
C ILE A 558 -17.48 -15.78 -15.25
N PRO A 559 -18.20 -16.87 -14.89
CA PRO A 559 -18.43 -17.91 -15.92
C PRO A 559 -19.31 -17.43 -17.07
N LYS A 560 -20.20 -16.49 -16.81
CA LYS A 560 -20.99 -15.85 -17.85
C LYS A 560 -20.08 -15.13 -18.86
N ALA A 561 -19.07 -14.42 -18.36
CA ALA A 561 -18.08 -13.77 -19.22
C ALA A 561 -17.26 -14.78 -20.03
N LEU A 562 -16.88 -15.89 -19.41
CA LEU A 562 -16.15 -16.96 -20.10
C LEU A 562 -16.97 -17.54 -21.25
N ALA A 563 -18.25 -17.82 -20.98
CA ALA A 563 -19.18 -18.38 -21.96
C ALA A 563 -19.48 -17.40 -23.10
N ASN A 564 -19.37 -16.10 -22.81
CA ASN A 564 -19.71 -15.06 -23.79
C ASN A 564 -18.52 -14.30 -24.37
N SER A 565 -17.38 -14.97 -24.48
CA SER A 565 -16.19 -14.33 -24.98
C SER A 565 -15.23 -15.32 -25.63
N GLU A 566 -14.29 -14.81 -26.40
CA GLU A 566 -13.24 -15.64 -26.92
C GLU A 566 -11.84 -15.24 -26.52
N HIS A 567 -11.69 -14.11 -25.85
CA HIS A 567 -10.38 -13.62 -25.52
C HIS A 567 -10.10 -13.40 -24.04
N MET A 568 -11.01 -13.89 -23.23
CA MET A 568 -10.85 -13.87 -21.79
C MET A 568 -9.79 -14.88 -21.41
N VAL A 569 -8.59 -14.40 -21.10
CA VAL A 569 -7.45 -15.26 -20.84
C VAL A 569 -7.15 -15.44 -19.34
N GLY A 570 -7.94 -14.81 -18.50
CA GLY A 570 -7.75 -14.94 -17.07
C GLY A 570 -8.76 -14.23 -16.18
N ILE A 571 -8.62 -14.47 -14.88
CA ILE A 571 -9.32 -13.70 -13.85
C ILE A 571 -8.28 -13.30 -12.83
N GLY A 572 -8.61 -12.33 -11.97
CA GLY A 572 -7.63 -11.86 -10.99
C GLY A 572 -8.15 -10.82 -10.03
N ILE A 573 -7.25 -10.36 -9.18
CA ILE A 573 -7.57 -9.32 -8.19
C ILE A 573 -6.69 -8.10 -8.40
N THR A 574 -7.30 -6.93 -8.33
CA THR A 574 -6.58 -5.66 -8.50
C THR A 574 -6.82 -4.70 -7.31
N PRO A 575 -6.78 -5.22 -6.06
CA PRO A 575 -7.12 -4.36 -4.92
C PRO A 575 -6.04 -3.32 -4.65
N GLU A 576 -6.46 -2.14 -4.22
CA GLU A 576 -5.50 -1.10 -3.86
C GLU A 576 -4.81 -1.46 -2.55
N ALA A 577 -5.49 -2.25 -1.72
CA ALA A 577 -4.89 -2.86 -0.54
C ALA A 577 -5.48 -4.24 -0.29
N ILE A 578 -4.70 -5.11 0.32
CA ILE A 578 -5.19 -6.42 0.76
CA ILE A 578 -5.20 -6.42 0.76
C ILE A 578 -5.30 -6.44 2.29
N ASN A 579 -6.40 -5.90 2.81
CA ASN A 579 -6.60 -5.79 4.26
C ASN A 579 -8.03 -6.04 4.72
N THR A 580 -8.91 -6.36 3.80
CA THR A 580 -10.34 -6.28 4.07
C THR A 580 -11.18 -7.36 3.37
N ASN A 581 -12.29 -7.76 4.01
CA ASN A 581 -13.29 -8.67 3.43
C ASN A 581 -12.73 -9.94 2.77
N PRO A 582 -12.13 -10.84 3.57
CA PRO A 582 -11.52 -12.08 3.04
C PRO A 582 -12.43 -12.94 2.18
N LEU A 583 -13.73 -12.95 2.45
CA LEU A 583 -14.71 -13.73 1.68
C LEU A 583 -14.63 -13.45 0.19
N ALA A 584 -14.55 -12.17 -0.16
CA ALA A 584 -14.47 -11.71 -1.55
C ALA A 584 -13.33 -12.34 -2.34
N TYR A 585 -12.15 -12.41 -1.71
CA TYR A 585 -10.92 -12.83 -2.39
C TYR A 585 -10.84 -14.33 -2.50
N GLU A 586 -11.39 -15.02 -1.52
CA GLU A 586 -11.45 -16.47 -1.58
C GLU A 586 -12.41 -16.97 -2.66
N LEU A 587 -13.59 -16.37 -2.73
CA LEU A 587 -14.57 -16.71 -3.76
C LEU A 587 -14.06 -16.40 -5.16
N LEU A 588 -13.45 -15.22 -5.32
CA LEU A 588 -12.88 -14.83 -6.62
C LEU A 588 -11.99 -15.95 -7.16
N PHE A 589 -11.02 -16.39 -6.38
CA PHE A 589 -10.06 -17.38 -6.87
C PHE A 589 -10.63 -18.80 -7.00
N ASP A 590 -11.64 -19.11 -6.19
CA ASP A 590 -12.43 -20.33 -6.36
C ASP A 590 -13.14 -20.39 -7.72
N MET A 591 -13.50 -19.22 -8.24
CA MET A 591 -14.18 -19.12 -9.54
CA MET A 591 -14.18 -19.09 -9.53
C MET A 591 -13.28 -19.38 -10.74
N ALA A 592 -11.98 -19.58 -10.48
CA ALA A 592 -11.08 -19.97 -11.56
C ALA A 592 -11.25 -21.45 -11.90
N TRP A 593 -11.79 -22.22 -10.96
CA TRP A 593 -11.82 -23.69 -11.06
C TRP A 593 -13.19 -24.27 -11.42
N THR A 594 -14.02 -23.44 -12.05
CA THR A 594 -15.32 -23.86 -12.56
C THR A 594 -15.66 -23.11 -13.86
N ARG A 595 -16.46 -23.74 -14.71
CA ARG A 595 -16.97 -23.11 -15.94
C ARG A 595 -18.43 -22.73 -15.77
N ASP A 596 -18.99 -23.12 -14.63
CA ASP A 596 -20.41 -22.89 -14.36
C ASP A 596 -20.59 -21.90 -13.24
N GLN A 597 -21.74 -21.23 -13.26
CA GLN A 597 -22.17 -20.39 -12.15
C GLN A 597 -22.39 -21.27 -10.93
N ILE A 598 -22.02 -20.75 -9.76
CA ILE A 598 -22.28 -21.46 -8.52
C ILE A 598 -23.28 -20.66 -7.67
N ASN A 599 -23.75 -21.28 -6.60
CA ASN A 599 -24.65 -20.65 -5.66
C ASN A 599 -23.84 -19.95 -4.56
N PHE A 600 -23.80 -18.62 -4.60
CA PHE A 600 -23.00 -17.81 -3.66
C PHE A 600 -23.42 -17.99 -2.20
N ARG A 601 -24.69 -18.34 -1.97
CA ARG A 601 -25.23 -18.53 -0.63
C ARG A 601 -24.73 -19.81 0.02
N THR A 602 -24.84 -20.92 -0.71
CA THR A 602 -24.34 -22.21 -0.21
C THR A 602 -22.81 -22.23 -0.16
N TRP A 603 -22.17 -21.47 -1.06
CA TRP A 603 -20.71 -21.29 -1.01
C TRP A 603 -20.30 -20.65 0.32
N THR A 604 -21.03 -19.61 0.73
CA THR A 604 -20.76 -18.87 1.98
C THR A 604 -20.98 -19.74 3.21
N GLU A 605 -22.04 -20.53 3.19
CA GLU A 605 -22.32 -21.50 4.25
C GLU A 605 -21.13 -22.44 4.49
N ASP A 606 -20.60 -23.01 3.41
CA ASP A 606 -19.41 -23.88 3.51
C ASP A 606 -18.18 -23.10 3.96
N TYR A 607 -18.02 -21.90 3.40
CA TYR A 607 -16.88 -21.02 3.69
C TYR A 607 -16.72 -20.71 5.19
N ILE A 608 -17.82 -20.33 5.83
CA ILE A 608 -17.78 -19.90 7.23
C ILE A 608 -17.50 -21.05 8.21
N GLU A 609 -17.93 -22.25 7.85
CA GLU A 609 -17.68 -23.45 8.66
C GLU A 609 -16.19 -23.76 8.71
N ARG A 610 -15.51 -23.70 7.56
CA ARG A 610 -14.07 -23.96 7.52
C ARG A 610 -13.25 -22.78 8.03
N ARG A 611 -13.79 -21.57 7.91
CA ARG A 611 -13.16 -20.37 8.47
C ARG A 611 -13.19 -20.35 10.00
N TYR A 612 -14.32 -20.78 10.59
CA TYR A 612 -14.46 -20.80 12.05
C TYR A 612 -14.09 -22.15 12.69
N GLY A 613 -14.06 -23.21 11.89
CA GLY A 613 -13.76 -24.55 12.40
C GLY A 613 -15.01 -25.27 12.86
N LYS A 614 -16.13 -24.55 12.84
CA LYS A 614 -17.42 -25.03 13.30
C LYS A 614 -18.49 -24.06 12.81
N THR A 615 -19.73 -24.50 12.88
CA THR A 615 -20.86 -23.65 12.51
C THR A 615 -22.11 -24.09 13.27
N ASN A 616 -23.12 -23.23 13.32
CA ASN A 616 -24.46 -23.60 13.77
C ASN A 616 -25.51 -22.82 12.99
N LYS A 617 -26.78 -23.09 13.29
CA LYS A 617 -27.90 -22.44 12.61
C LYS A 617 -27.89 -20.92 12.78
N GLU A 618 -27.56 -20.47 13.98
CA GLU A 618 -27.54 -19.04 14.30
C GLU A 618 -26.42 -18.27 13.60
N ILE A 619 -25.21 -18.84 13.57
CA ILE A 619 -24.09 -18.23 12.85
C ILE A 619 -24.40 -18.15 11.35
N LEU A 620 -25.03 -19.20 10.83
CA LEU A 620 -25.49 -19.23 9.44
C LEU A 620 -26.52 -18.13 9.20
N GLU A 621 -27.45 -17.97 10.16
CA GLU A 621 -28.46 -16.91 10.08
C GLU A 621 -27.82 -15.51 10.05
N ALA A 622 -26.79 -15.30 10.87
CA ALA A 622 -26.07 -14.02 10.90
C ALA A 622 -25.38 -13.72 9.57
N TRP A 623 -24.80 -14.74 8.96
CA TRP A 623 -24.12 -14.58 7.67
C TRP A 623 -25.08 -14.40 6.49
N ASN A 624 -26.29 -14.97 6.60
CA ASN A 624 -27.34 -14.71 5.62
C ASN A 624 -27.84 -13.27 5.72
N ILE A 625 -27.95 -12.76 6.94
CA ILE A 625 -28.22 -11.33 7.18
C ILE A 625 -27.15 -10.45 6.52
N ILE A 626 -25.87 -10.80 6.68
CA ILE A 626 -24.76 -10.08 6.03
C ILE A 626 -24.91 -10.15 4.51
N LEU A 627 -25.23 -11.34 3.99
CA LEU A 627 -25.47 -11.50 2.55
C LEU A 627 -26.67 -10.69 2.06
N ASP A 628 -27.68 -10.52 2.92
CA ASP A 628 -28.89 -9.76 2.61
C ASP A 628 -28.74 -8.24 2.80
N THR A 629 -27.66 -7.82 3.45
CA THR A 629 -27.43 -6.42 3.76
C THR A 629 -26.13 -5.89 3.13
N ALA A 630 -25.03 -5.97 3.88
CA ALA A 630 -23.75 -5.38 3.48
C ALA A 630 -23.12 -6.01 2.23
N TYR A 631 -23.37 -7.30 2.04
CA TYR A 631 -22.82 -8.07 0.90
C TYR A 631 -23.84 -8.27 -0.23
N LYS A 632 -25.01 -7.64 -0.10
CA LYS A 632 -26.06 -7.76 -1.12
C LYS A 632 -25.63 -7.13 -2.44
N LYS A 633 -26.04 -7.77 -3.54
CA LYS A 633 -25.77 -7.27 -4.89
C LYS A 633 -26.29 -5.85 -5.08
N ARG A 634 -25.43 -5.06 -5.66
CA ARG A 634 -25.79 -3.76 -6.12
C ARG A 634 -25.31 -3.41 -7.51
N ASN A 635 -25.93 -2.41 -8.08
CA ASN A 635 -25.95 -2.23 -9.51
C ASN A 635 -25.57 -0.80 -9.85
N ASP A 636 -25.18 -0.06 -8.83
CA ASP A 636 -24.63 1.26 -8.95
C ASP A 636 -23.12 1.32 -9.00
N TYR A 637 -22.61 2.52 -9.16
CA TYR A 637 -21.20 2.77 -9.18
C TYR A 637 -20.74 3.31 -7.86
N TYR A 638 -19.67 2.74 -7.34
CA TYR A 638 -19.15 3.04 -6.02
C TYR A 638 -17.70 2.62 -5.92
N GLN A 639 -16.89 3.33 -5.13
CA GLN A 639 -15.48 2.99 -4.98
C GLN A 639 -15.17 2.54 -3.56
N GLY A 640 -15.23 1.23 -3.33
CA GLY A 640 -14.86 0.64 -2.05
C GLY A 640 -16.00 0.65 -1.04
N ALA A 641 -15.66 0.32 0.20
CA ALA A 641 -16.64 0.25 1.29
C ALA A 641 -17.14 1.63 1.70
N ALA A 642 -18.41 1.70 2.09
CA ALA A 642 -18.98 2.93 2.62
C ALA A 642 -18.15 3.42 3.80
N GLU A 643 -17.77 4.69 3.73
CA GLU A 643 -16.84 5.27 4.69
C GLU A 643 -17.50 5.65 6.00
N SER A 644 -16.75 5.48 7.08
CA SER A 644 -17.16 5.87 8.42
C SER A 644 -17.04 7.39 8.58
N ILE A 645 -18.13 8.01 9.06
CA ILE A 645 -18.15 9.44 9.40
C ILE A 645 -17.07 9.78 10.45
N ILE A 646 -16.75 8.81 11.30
CA ILE A 646 -15.67 8.99 12.30
C ILE A 646 -14.36 9.41 11.63
N ASN A 647 -14.10 8.89 10.43
CA ASN A 647 -12.86 9.15 9.69
C ASN A 647 -12.89 10.37 8.76
N ALA A 648 -14.02 11.07 8.74
CA ALA A 648 -14.17 12.27 7.92
C ALA A 648 -13.75 13.52 8.67
N ARG A 649 -13.17 14.47 7.93
CA ARG A 649 -12.96 15.82 8.42
C ARG A 649 -14.30 16.39 8.88
N PRO A 650 -14.40 16.81 10.15
CA PRO A 650 -15.66 17.32 10.70
C PRO A 650 -16.21 18.53 9.91
N GLY A 651 -17.54 18.64 9.87
CA GLY A 651 -18.20 19.50 8.90
C GLY A 651 -19.69 19.23 8.82
N PHE A 652 -20.41 20.15 8.18
CA PHE A 652 -21.80 19.91 7.81
C PHE A 652 -21.92 19.39 6.38
N GLY A 653 -22.82 18.45 6.16
CA GLY A 653 -23.14 17.99 4.83
C GLY A 653 -22.24 16.85 4.38
N ILE A 654 -21.55 16.24 5.33
CA ILE A 654 -20.56 15.22 5.02
C ILE A 654 -21.19 14.04 4.30
N LYS A 655 -20.65 13.71 3.13
CA LYS A 655 -21.17 12.59 2.34
C LYS A 655 -20.08 11.56 2.07
N SER A 656 -18.97 11.67 2.80
CA SER A 656 -17.75 10.95 2.45
C SER A 656 -16.57 11.43 3.29
N ALA A 657 -15.67 10.50 3.61
CA ALA A 657 -14.39 10.85 4.23
C ALA A 657 -13.36 11.25 3.17
N SER A 658 -13.42 10.60 2.01
CA SER A 658 -12.49 10.87 0.94
C SER A 658 -13.18 11.51 -0.26
N THR A 659 -12.41 12.19 -1.09
CA THR A 659 -12.97 12.94 -2.23
C THR A 659 -13.87 12.10 -3.15
N TRP A 660 -13.43 10.90 -3.51
CA TRP A 660 -14.17 10.05 -4.45
C TRP A 660 -14.88 8.89 -3.74
N GLY A 661 -15.09 9.06 -2.43
CA GLY A 661 -15.73 8.04 -1.60
C GLY A 661 -17.22 8.29 -1.42
N HIS A 662 -17.84 7.48 -0.57
CA HIS A 662 -19.27 7.63 -0.28
C HIS A 662 -19.60 7.09 1.11
N SER A 663 -20.56 7.73 1.78
CA SER A 663 -20.92 7.36 3.14
C SER A 663 -22.33 6.77 3.19
N LYS A 664 -22.98 6.70 2.04
CA LYS A 664 -24.33 6.15 1.95
C LYS A 664 -24.34 4.65 2.22
N ILE A 665 -25.05 4.25 3.26
CA ILE A 665 -25.29 2.84 3.53
C ILE A 665 -26.59 2.36 2.89
N VAL A 666 -26.47 1.46 1.92
CA VAL A 666 -27.58 1.14 1.04
C VAL A 666 -28.41 -0.03 1.57
N TYR A 667 -28.18 -0.36 2.84
CA TYR A 667 -28.91 -1.45 3.48
C TYR A 667 -29.46 -1.03 4.84
N ASP A 668 -30.50 -1.72 5.30
CA ASP A 668 -31.14 -1.39 6.56
C ASP A 668 -30.16 -1.61 7.72
N LYS A 669 -29.85 -0.54 8.45
CA LYS A 669 -28.88 -0.59 9.54
C LYS A 669 -29.34 -1.49 10.70
N SER A 670 -30.63 -1.43 11.03
CA SER A 670 -31.18 -2.23 12.13
C SER A 670 -31.18 -3.72 11.83
N GLU A 671 -31.35 -4.07 10.56
CA GLU A 671 -31.27 -5.45 10.12
C GLU A 671 -29.84 -5.97 10.28
N PHE A 672 -28.87 -5.17 9.85
CA PHE A 672 -27.45 -5.51 9.99
C PHE A 672 -27.07 -5.73 11.45
N GLU A 673 -27.58 -4.89 12.34
CA GLU A 673 -27.32 -5.01 13.78
C GLU A 673 -27.72 -6.39 14.37
N LYS A 674 -28.69 -7.06 13.75
CA LYS A 674 -29.10 -8.41 14.17
C LYS A 674 -27.96 -9.43 14.08
N ALA A 675 -27.10 -9.26 13.07
CA ALA A 675 -25.90 -10.08 12.91
C ALA A 675 -24.95 -9.94 14.11
N ILE A 676 -24.78 -8.71 14.59
CA ILE A 676 -23.94 -8.45 15.77
C ILE A 676 -24.54 -9.13 17.02
N GLU A 677 -25.85 -9.00 17.19
CA GLU A 677 -26.58 -9.64 18.30
C GLU A 677 -26.36 -11.16 18.33
N ILE A 678 -26.46 -11.79 17.16
CA ILE A 678 -26.26 -13.23 17.04
C ILE A 678 -24.81 -13.61 17.35
N PHE A 679 -23.86 -12.85 16.79
CA PHE A 679 -22.44 -13.05 17.10
C PHE A 679 -22.15 -12.94 18.60
N ALA A 680 -22.76 -11.95 19.25
CA ALA A 680 -22.60 -11.76 20.70
C ALA A 680 -23.16 -12.93 21.50
N LYS A 681 -24.30 -13.44 21.06
CA LYS A 681 -24.96 -14.60 21.67
C LYS A 681 -24.11 -15.88 21.55
N ASN A 682 -23.34 -15.97 20.47
CA ASN A 682 -22.51 -17.15 20.20
C ASN A 682 -21.02 -16.93 20.47
N TYR A 683 -20.69 -15.79 21.09
CA TYR A 683 -19.30 -15.41 21.34
C TYR A 683 -18.48 -16.44 22.10
N ASP A 684 -18.98 -16.86 23.26
CA ASP A 684 -18.22 -17.73 24.15
C ASP A 684 -17.94 -19.09 23.53
N GLU A 685 -18.85 -19.54 22.67
CA GLU A 685 -18.70 -20.81 21.96
C GLU A 685 -17.72 -20.72 20.78
N PHE A 686 -17.60 -19.54 20.18
CA PHE A 686 -16.79 -19.37 18.96
C PHE A 686 -15.47 -18.62 19.19
N LYS A 687 -15.28 -18.12 20.41
CA LYS A 687 -14.12 -17.27 20.76
C LYS A 687 -12.74 -17.91 20.59
N ASP A 688 -12.69 -19.24 20.50
CA ASP A 688 -11.43 -19.95 20.25
C ASP A 688 -11.02 -19.99 18.76
N SER A 689 -11.85 -19.39 17.91
CA SER A 689 -11.54 -19.19 16.51
C SER A 689 -11.13 -17.73 16.28
N ASP A 690 -9.88 -17.55 15.85
CA ASP A 690 -9.33 -16.22 15.60
C ASP A 690 -10.03 -15.51 14.44
N ALA A 691 -10.37 -16.29 13.41
CA ALA A 691 -11.12 -15.76 12.27
C ALA A 691 -12.54 -15.30 12.66
N PHE A 692 -13.15 -16.00 13.62
CA PHE A 692 -14.42 -15.55 14.17
C PHE A 692 -14.28 -14.21 14.88
N LEU A 693 -13.24 -14.09 15.70
CA LEU A 693 -12.94 -12.83 16.40
C LEU A 693 -12.69 -11.68 15.42
N TYR A 694 -11.95 -11.98 14.36
CA TYR A 694 -11.68 -11.06 13.26
C TYR A 694 -12.99 -10.55 12.63
N ASP A 695 -13.87 -11.48 12.26
CA ASP A 695 -15.14 -11.14 11.64
C ASP A 695 -16.06 -10.40 12.61
N PHE A 696 -16.06 -10.82 13.88
CA PHE A 696 -16.85 -10.14 14.91
C PHE A 696 -16.42 -8.68 15.02
N ALA A 697 -15.11 -8.45 15.13
CA ALA A 697 -14.57 -7.07 15.11
C ALA A 697 -14.97 -6.31 13.84
N ASP A 698 -14.93 -6.97 12.68
CA ASP A 698 -15.35 -6.36 11.42
C ASP A 698 -16.80 -5.86 11.40
N ILE A 699 -17.73 -6.71 11.85
CA ILE A 699 -19.14 -6.35 11.82
C ILE A 699 -19.53 -5.36 12.93
N LEU A 700 -18.90 -5.48 14.10
CA LEU A 700 -19.16 -4.58 15.22
C LEU A 700 -18.64 -3.15 14.98
N LYS A 701 -17.48 -3.04 14.36
CA LYS A 701 -16.96 -1.71 14.02
C LYS A 701 -17.83 -1.09 12.92
N GLN A 702 -18.39 -1.94 12.07
CA GLN A 702 -19.35 -1.52 11.06
C GLN A 702 -20.66 -1.01 11.68
N LEU A 703 -21.15 -1.73 12.68
CA LEU A 703 -22.33 -1.29 13.45
C LEU A 703 -22.10 0.11 13.99
N LEU A 704 -20.97 0.32 14.64
CA LEU A 704 -20.66 1.61 15.25
C LEU A 704 -20.42 2.73 14.23
N ALA A 705 -19.79 2.40 13.10
CA ALA A 705 -19.69 3.34 11.98
C ALA A 705 -21.08 3.78 11.50
N ASN A 706 -21.96 2.80 11.35
CA ASN A 706 -23.34 3.03 10.91
C ASN A 706 -24.16 3.91 11.85
N SER A 707 -24.06 3.65 13.14
CA SER A 707 -24.82 4.41 14.13
C SER A 707 -24.26 5.82 14.35
N ALA A 708 -22.94 5.96 14.24
CA ALA A 708 -22.28 7.26 14.36
C ALA A 708 -22.83 8.26 13.33
N GLN A 709 -23.08 7.77 12.12
CA GLN A 709 -23.65 8.58 11.04
C GLN A 709 -25.02 9.13 11.42
N GLU A 710 -25.81 8.32 12.13
CA GLU A 710 -27.12 8.75 12.61
C GLU A 710 -27.01 9.76 13.76
N TYR A 711 -26.06 9.52 14.67
CA TYR A 711 -25.83 10.42 15.80
C TYR A 711 -25.27 11.76 15.33
N TYR A 712 -24.42 11.72 14.30
CA TYR A 712 -23.87 12.92 13.67
C TYR A 712 -24.97 13.81 13.09
N GLU A 713 -25.92 13.20 12.39
CA GLU A 713 -27.09 13.92 11.89
C GLU A 713 -27.81 14.64 13.02
N VAL A 714 -28.19 13.89 14.05
CA VAL A 714 -28.92 14.45 15.18
C VAL A 714 -28.20 15.67 15.75
N MET A 715 -26.88 15.60 15.82
CA MET A 715 -26.09 16.57 16.53
C MET A 715 -25.91 17.81 15.71
N CYS A 716 -25.82 17.63 14.41
CA CYS A 716 -25.83 18.72 13.50
C CYS A 716 -27.19 19.42 13.56
N ASN A 717 -28.26 18.66 13.65
CA ASN A 717 -29.61 19.18 13.75
C ASN A 717 -29.74 20.06 14.98
N ALA A 718 -29.22 19.60 16.10
CA ALA A 718 -29.22 20.30 17.35
C ALA A 718 -28.43 21.57 17.38
N TYR A 719 -27.36 21.62 16.58
CA TYR A 719 -26.65 22.87 16.34
C TYR A 719 -27.54 23.90 15.65
N ASN A 720 -28.16 23.43 14.59
CA ASN A 720 -28.67 24.27 13.57
C ASN A 720 -29.92 24.90 14.13
N ASN A 721 -30.52 24.20 15.06
CA ASN A 721 -31.67 24.67 15.77
C ASN A 721 -31.34 25.48 16.97
N GLY A 722 -30.08 25.77 17.21
CA GLY A 722 -29.66 26.48 18.38
C GLY A 722 -29.78 25.83 19.73
N ASN A 723 -29.95 24.52 19.77
CA ASN A 723 -30.20 23.82 20.99
C ASN A 723 -28.96 23.33 21.69
N GLY A 724 -28.41 24.20 22.51
CA GLY A 724 -27.18 23.99 23.20
C GLY A 724 -27.18 22.79 24.09
N GLU A 725 -28.22 22.50 24.82
CA GLU A 725 -28.14 21.45 25.80
C GLU A 725 -28.19 20.11 25.10
N LYS A 726 -29.04 20.04 24.11
CA LYS A 726 -29.22 18.85 23.26
C LYS A 726 -27.95 18.50 22.49
N PHE A 727 -27.32 19.52 21.89
CA PHE A 727 -26.05 19.33 21.16
C PHE A 727 -24.98 18.76 22.10
N LYS A 728 -24.90 19.31 23.31
CA LYS A 728 -23.94 18.81 24.30
C LYS A 728 -24.14 17.32 24.58
N PHE A 729 -25.40 16.93 24.77
CA PHE A 729 -25.76 15.56 25.09
C PHE A 729 -25.49 14.61 23.92
N VAL A 730 -25.98 14.97 22.74
CA VAL A 730 -25.85 14.14 21.54
C VAL A 730 -24.38 14.05 21.07
N SER A 731 -23.65 15.17 21.13
CA SER A 731 -22.24 15.19 20.75
C SER A 731 -21.39 14.45 21.77
N GLY A 732 -21.81 14.49 23.04
CA GLY A 732 -21.17 13.74 24.10
C GLY A 732 -21.25 12.24 23.84
N LYS A 733 -22.44 11.78 23.47
CA LYS A 733 -22.69 10.38 23.11
C LYS A 733 -21.92 9.96 21.86
N PHE A 734 -21.79 10.88 20.90
CA PHE A 734 -21.04 10.67 19.67
C PHE A 734 -19.55 10.43 19.97
N LEU A 735 -18.98 11.25 20.87
CA LEU A 735 -17.59 11.09 21.27
C LEU A 735 -17.36 9.80 22.09
N GLU A 736 -18.31 9.46 22.96
CA GLU A 736 -18.29 8.18 23.69
C GLU A 736 -18.37 6.98 22.74
N LEU A 737 -19.16 7.12 21.68
CA LEU A 737 -19.26 6.10 20.63
C LEU A 737 -17.90 5.82 19.99
N ILE A 738 -17.14 6.89 19.70
CA ILE A 738 -15.79 6.75 19.12
C ILE A 738 -14.83 6.07 20.10
N LYS A 739 -14.97 6.36 21.38
CA LYS A 739 -14.17 5.72 22.37
C LYS A 739 -14.42 4.25 22.51
N LEU A 740 -15.66 3.85 22.38
CA LEU A 740 -16.02 2.44 22.30
C LEU A 740 -15.45 1.78 21.04
N GLN A 741 -15.56 2.50 19.92
CA GLN A 741 -14.97 2.05 18.65
C GLN A 741 -13.47 1.75 18.80
N GLU A 742 -12.74 2.67 19.44
CA GLU A 742 -11.30 2.48 19.70
C GLU A 742 -11.02 1.19 20.47
N ARG A 743 -11.88 0.88 21.45
CA ARG A 743 -11.78 -0.37 22.20
C ARG A 743 -12.01 -1.59 21.30
N VAL A 744 -13.01 -1.51 20.43
CA VAL A 744 -13.29 -2.58 19.46
C VAL A 744 -12.09 -2.81 18.53
N LEU A 745 -11.55 -1.72 18.01
CA LEU A 745 -10.41 -1.78 17.08
C LEU A 745 -9.12 -2.30 17.76
N SER A 746 -8.97 -2.01 19.05
CA SER A 746 -7.80 -2.46 19.84
C SER A 746 -7.65 -3.99 19.93
N THR A 747 -8.73 -4.72 19.62
CA THR A 747 -8.73 -6.18 19.73
C THR A 747 -7.95 -6.92 18.63
N ARG A 748 -7.71 -6.26 17.51
CA ARG A 748 -7.04 -6.87 16.36
C ARG A 748 -5.65 -6.30 16.11
N PRO A 749 -4.61 -7.16 16.07
CA PRO A 749 -3.25 -6.76 15.67
C PRO A 749 -3.21 -6.06 14.31
N GLU A 750 -4.04 -6.50 13.38
CA GLU A 750 -4.06 -5.93 12.04
C GLU A 750 -4.65 -4.51 11.99
N PHE A 751 -5.34 -4.11 13.06
CA PHE A 751 -5.90 -2.76 13.16
C PHE A 751 -5.02 -1.80 13.96
N LEU A 752 -3.81 -2.20 14.31
CA LEU A 752 -2.94 -1.33 15.13
C LEU A 752 -2.03 -0.44 14.28
N ILE A 753 -2.15 0.87 14.46
CA ILE A 753 -1.23 1.83 13.83
C ILE A 753 0.24 1.54 14.21
N GLY A 754 0.45 1.02 15.42
CA GLY A 754 1.79 0.69 15.91
C GLY A 754 2.55 -0.34 15.09
N ASN A 755 1.80 -1.26 14.47
CA ASN A 755 2.39 -2.29 13.62
C ASN A 755 2.81 -1.73 12.27
N TRP A 756 1.92 -0.95 11.66
CA TRP A 756 2.19 -0.23 10.42
C TRP A 756 3.45 0.64 10.57
N ILE A 757 3.49 1.47 11.62
CA ILE A 757 4.62 2.36 11.87
C ILE A 757 5.91 1.60 12.19
N GLU A 758 5.83 0.61 13.08
CA GLU A 758 7.02 -0.15 13.46
C GLU A 758 7.61 -0.90 12.27
N ASP A 759 6.76 -1.49 11.45
CA ASP A 759 7.19 -2.13 10.20
C ASP A 759 8.01 -1.16 9.34
N ALA A 760 7.48 0.05 9.16
CA ALA A 760 8.19 1.09 8.40
C ALA A 760 9.56 1.40 8.99
N ARG A 761 9.61 1.57 10.32
CA ARG A 761 10.84 1.95 11.01
C ARG A 761 11.89 0.84 11.06
N THR A 762 11.48 -0.41 10.86
CA THR A 762 12.39 -1.55 10.99
C THR A 762 12.56 -2.35 9.70
N MET A 763 12.06 -1.84 8.58
CA MET A 763 12.02 -2.61 7.33
C MET A 763 13.39 -2.91 6.72
N LEU A 764 14.37 -2.06 6.99
CA LEU A 764 15.75 -2.33 6.58
C LEU A 764 16.54 -2.62 7.83
N LYS A 765 17.65 -3.33 7.72
CA LYS A 765 18.49 -3.42 8.90
C LYS A 765 19.71 -2.52 8.83
N ASP A 766 20.10 -2.04 10.01
CA ASP A 766 21.22 -1.11 10.16
C ASP A 766 20.88 0.27 9.59
N SER A 767 19.62 0.66 9.73
CA SER A 767 19.15 2.01 9.41
C SER A 767 19.67 2.99 10.45
N ASP A 768 19.95 4.21 10.04
CA ASP A 768 20.19 5.29 10.99
C ASP A 768 18.85 5.88 11.45
N ASP A 769 18.89 6.79 12.42
CA ASP A 769 17.68 7.45 12.90
C ASP A 769 17.00 8.26 11.81
N TRP A 770 17.81 8.88 10.95
CA TRP A 770 17.27 9.67 9.84
C TRP A 770 16.31 8.86 8.99
N THR A 771 16.76 7.68 8.56
CA THR A 771 15.97 6.78 7.71
C THR A 771 14.71 6.27 8.42
N LYS A 772 14.83 5.93 9.70
CA LYS A 772 13.67 5.46 10.47
C LYS A 772 12.60 6.53 10.58
N ASP A 773 13.01 7.74 10.94
CA ASP A 773 12.11 8.90 11.03
C ASP A 773 11.45 9.24 9.70
N LEU A 774 12.21 9.18 8.61
CA LEU A 774 11.69 9.47 7.27
C LEU A 774 10.69 8.41 6.81
N PHE A 775 10.98 7.14 7.11
CA PHE A 775 10.08 6.04 6.79
C PHE A 775 8.81 6.10 7.65
N GLU A 776 8.94 6.50 8.91
CA GLU A 776 7.77 6.76 9.76
C GLU A 776 6.89 7.88 9.17
N PHE A 777 7.53 8.93 8.63
CA PHE A 777 6.81 10.00 7.93
C PHE A 777 5.97 9.45 6.78
N ASN A 778 6.59 8.60 5.94
CA ASN A 778 5.90 7.89 4.86
C ASN A 778 4.68 7.11 5.35
N ALA A 779 4.85 6.41 6.47
CA ALA A 779 3.79 5.56 7.03
C ALA A 779 2.64 6.40 7.55
N ARG A 780 2.96 7.48 8.26
CA ARG A 780 1.96 8.36 8.85
C ARG A 780 1.21 9.18 7.81
N ALA A 781 1.94 9.74 6.85
CA ALA A 781 1.37 10.57 5.79
C ALA A 781 0.41 9.79 4.88
N LEU A 782 0.80 8.58 4.48
CA LEU A 782 -0.02 7.82 3.51
C LEU A 782 -1.46 7.56 3.97
N VAL A 783 -1.63 7.23 5.25
CA VAL A 783 -2.95 6.90 5.79
C VAL A 783 -3.73 8.14 6.28
N THR A 784 -3.13 9.32 6.17
CA THR A 784 -3.80 10.56 6.57
C THR A 784 -3.84 11.61 5.46
N THR A 785 -2.95 12.60 5.52
CA THR A 785 -2.89 13.68 4.52
C THR A 785 -2.47 13.21 3.13
N TRP A 786 -1.83 12.04 3.06
CA TRP A 786 -1.34 11.44 1.81
C TRP A 786 -0.07 12.15 1.33
N GLY A 787 -0.22 13.41 0.91
CA GLY A 787 0.91 14.28 0.57
C GLY A 787 0.94 15.46 1.52
N SER A 788 1.54 16.57 1.11
CA SER A 788 1.46 17.81 1.90
C SER A 788 0.22 18.63 1.49
N ARG A 789 0.15 19.91 1.88
CA ARG A 789 -1.09 20.68 1.74
C ARG A 789 -1.70 20.63 0.34
N ASN A 790 -0.88 20.86 -0.67
CA ASN A 790 -1.39 20.97 -2.04
C ASN A 790 -1.85 19.63 -2.62
N ASN A 791 -1.43 18.53 -1.99
CA ASN A 791 -1.87 17.19 -2.36
C ASN A 791 -3.12 16.79 -1.60
N ALA A 792 -3.12 17.06 -0.29
CA ALA A 792 -4.25 16.76 0.56
C ALA A 792 -5.48 17.59 0.19
N ASP A 793 -5.30 18.90 0.05
CA ASP A 793 -6.43 19.82 -0.13
C ASP A 793 -6.74 20.06 -1.60
N GLY A 794 -5.95 20.91 -2.25
CA GLY A 794 -6.12 21.17 -3.68
C GLY A 794 -6.09 19.89 -4.52
N GLY A 795 -5.22 18.95 -4.13
CA GLY A 795 -5.04 17.70 -4.88
C GLY A 795 -6.11 16.66 -4.62
N GLY A 796 -6.88 16.85 -3.55
CA GLY A 796 -8.04 16.00 -3.25
C GLY A 796 -7.75 14.70 -2.53
N LEU A 797 -6.54 14.54 -2.03
CA LEU A 797 -6.11 13.25 -1.45
C LEU A 797 -6.26 13.09 0.07
N LYS A 798 -6.77 14.14 0.74
CA LYS A 798 -6.96 14.10 2.19
C LYS A 798 -7.79 12.89 2.63
N ASP A 799 -7.24 12.12 3.56
CA ASP A 799 -7.92 10.94 4.12
C ASP A 799 -8.32 9.91 3.07
N TYR A 800 -7.63 9.89 1.93
CA TYR A 800 -7.95 8.93 0.87
C TYR A 800 -7.77 7.50 1.39
N SER A 801 -6.71 7.29 2.17
CA SER A 801 -6.39 5.98 2.69
C SER A 801 -6.78 5.88 4.18
N ASN A 802 -7.91 6.48 4.55
CA ASN A 802 -8.34 6.47 5.95
C ASN A 802 -8.59 5.05 6.48
N ARG A 803 -8.10 4.79 7.70
CA ARG A 803 -8.17 3.44 8.27
C ARG A 803 -8.92 3.45 9.59
N GLN A 804 -9.79 2.47 9.77
CA GLN A 804 -10.45 2.27 11.05
C GLN A 804 -9.50 1.50 11.96
N TRP A 805 -8.47 2.21 12.39
CA TRP A 805 -7.38 1.62 13.16
C TRP A 805 -7.29 2.17 14.58
N SER A 806 -6.86 1.31 15.48
CA SER A 806 -6.53 1.68 16.86
C SER A 806 -5.35 2.65 16.87
N GLY A 807 -5.35 3.58 17.82
CA GLY A 807 -4.28 4.56 17.96
C GLY A 807 -4.51 5.76 17.07
N LEU A 808 -4.66 5.49 15.77
CA LEU A 808 -5.07 6.49 14.79
C LEU A 808 -6.46 7.07 15.11
N THR A 809 -7.38 6.22 15.52
CA THR A 809 -8.74 6.65 15.82
C THR A 809 -8.76 7.65 16.98
N GLU A 810 -7.93 7.39 17.98
CA GLU A 810 -7.98 8.15 19.23
C GLU A 810 -7.22 9.47 19.11
N ASP A 811 -6.11 9.44 18.38
CA ASP A 811 -5.18 10.56 18.39
C ASP A 811 -5.39 11.47 17.18
N TYR A 812 -6.16 10.99 16.21
CA TYR A 812 -6.35 11.70 14.95
C TYR A 812 -7.84 11.93 14.66
N TYR A 813 -8.61 10.86 14.44
CA TYR A 813 -10.05 11.01 14.14
C TYR A 813 -10.83 11.62 15.30
N TYR A 814 -10.73 11.04 16.49
CA TYR A 814 -11.39 11.55 17.69
C TYR A 814 -10.99 13.01 17.96
N ALA A 815 -9.69 13.30 17.88
CA ALA A 815 -9.16 14.65 18.11
C ALA A 815 -9.78 15.73 17.21
N ARG A 816 -10.00 15.38 15.94
CA ARG A 816 -10.65 16.30 15.00
C ARG A 816 -12.11 16.58 15.39
N TRP A 817 -12.86 15.51 15.66
CA TRP A 817 -14.26 15.65 16.11
C TRP A 817 -14.39 16.41 17.43
N GLU A 818 -13.52 16.10 18.39
CA GLU A 818 -13.49 16.80 19.68
C GLU A 818 -13.31 18.30 19.51
N LYS A 819 -12.36 18.71 18.66
CA LYS A 819 -12.05 20.12 18.43
C LYS A 819 -13.24 20.86 17.81
N TRP A 820 -13.83 20.26 16.79
CA TRP A 820 -14.95 20.88 16.08
C TRP A 820 -16.15 21.04 17.00
N ILE A 821 -16.29 20.13 17.96
CA ILE A 821 -17.50 20.05 18.77
C ILE A 821 -17.46 21.07 19.92
N ASN A 822 -16.31 21.16 20.58
CA ASN A 822 -16.05 22.26 21.50
C ASN A 822 -16.29 23.62 20.85
N GLY A 823 -15.91 23.75 19.59
CA GLY A 823 -16.06 24.98 18.89
C GLY A 823 -17.47 25.32 18.64
N LEU A 824 -18.26 24.37 18.21
CA LEU A 824 -19.67 24.58 18.09
C LEU A 824 -20.35 24.85 19.41
N GLN A 825 -19.95 24.12 20.43
CA GLN A 825 -20.48 24.27 21.79
C GLN A 825 -20.21 25.66 22.36
N ALA A 826 -18.98 26.15 22.18
CA ALA A 826 -18.58 27.48 22.62
C ALA A 826 -19.47 28.55 22.01
N GLU A 827 -19.87 28.33 20.76
CA GLU A 827 -20.76 29.21 20.07
C GLU A 827 -22.18 29.14 20.58
N LEU A 828 -22.70 27.93 20.68
CA LEU A 828 -24.00 27.70 21.21
C LEU A 828 -24.18 28.26 22.61
N ASP A 829 -23.09 28.35 23.37
CA ASP A 829 -23.12 28.72 24.77
C ASP A 829 -23.04 30.23 25.02
N GLY A 830 -23.25 31.03 23.99
CA GLY A 830 -23.02 32.45 24.05
C GLY A 830 -21.59 32.80 23.77
N GLY A 831 -21.12 32.23 22.69
CA GLY A 831 -19.70 32.24 22.41
C GLY A 831 -19.36 33.13 21.24
N ALA A 832 -18.09 33.47 21.16
CA ALA A 832 -17.30 33.27 19.98
C ALA A 832 -17.93 32.31 18.99
N LYS A 833 -18.40 32.87 17.89
CA LYS A 833 -18.66 32.12 16.70
C LYS A 833 -17.49 31.18 16.34
N ALA A 834 -17.82 30.00 15.88
CA ALA A 834 -16.84 28.96 15.70
C ALA A 834 -15.87 29.26 14.55
N PRO A 835 -14.58 29.16 14.81
CA PRO A 835 -13.57 29.38 13.77
C PRO A 835 -13.63 28.30 12.69
N ASN A 836 -13.43 28.70 11.44
CA ASN A 836 -12.77 27.84 10.45
C ASN A 836 -11.54 27.15 11.02
N ILE A 837 -11.53 25.83 10.95
CA ILE A 837 -10.35 25.05 11.34
C ILE A 837 -9.52 24.70 10.10
N ASP A 838 -8.23 25.01 10.17
CA ASP A 838 -7.30 24.60 9.12
C ASP A 838 -6.96 23.13 9.41
N TRP A 839 -7.78 22.24 8.83
CA TRP A 839 -7.68 20.81 9.13
C TRP A 839 -6.32 20.24 8.80
N PHE A 840 -5.80 20.56 7.61
CA PHE A 840 -4.50 20.03 7.19
C PHE A 840 -3.40 20.30 8.22
N LYS A 841 -3.40 21.50 8.78
CA LYS A 841 -2.38 21.91 9.77
C LYS A 841 -2.37 20.97 10.99
N MET A 842 -3.56 20.69 11.51
CA MET A 842 -3.74 19.78 12.64
C MET A 842 -3.30 18.34 12.28
N GLU A 843 -3.70 17.91 11.09
CA GLU A 843 -3.40 16.57 10.58
C GLU A 843 -1.90 16.33 10.43
N TYR A 844 -1.22 17.30 9.84
CA TYR A 844 0.21 17.16 9.54
C TYR A 844 1.05 17.18 10.81
N ASP A 845 0.57 17.91 11.82
CA ASP A 845 1.16 17.86 13.15
C ASP A 845 1.35 16.42 13.63
N TRP A 846 0.30 15.62 13.43
CA TRP A 846 0.36 14.21 13.80
C TRP A 846 1.28 13.44 12.87
N VAL A 847 1.18 13.73 11.57
CA VAL A 847 2.04 13.09 10.58
C VAL A 847 3.50 13.09 11.04
N ASN A 848 3.96 14.22 11.55
CA ASN A 848 5.39 14.51 11.63
C ASN A 848 5.99 14.06 12.96
N LYS A 849 5.14 13.55 13.85
CA LYS A 849 5.60 13.03 15.14
C LYS A 849 6.40 11.73 15.00
N LYS A 850 7.35 11.54 15.92
CA LYS A 850 8.26 10.41 15.83
C LYS A 850 8.07 9.46 17.01
N SER A 851 8.15 8.17 16.72
CA SER A 851 7.88 7.13 17.72
C SER A 851 8.87 7.09 18.89
N ASP A 852 10.08 7.59 18.66
CA ASP A 852 11.14 7.56 19.67
C ASP A 852 11.19 8.81 20.56
N THR A 853 10.47 9.86 20.18
CA THR A 853 10.46 11.10 20.97
C THR A 853 9.09 11.54 21.44
N ASP A 854 8.05 11.21 20.67
CA ASP A 854 6.70 11.66 20.99
C ASP A 854 5.88 10.61 21.75
N LYS A 855 5.43 9.59 21.04
CA LYS A 855 4.60 8.54 21.62
C LYS A 855 4.77 7.28 20.79
N LEU A 856 5.15 6.20 21.45
CA LEU A 856 5.27 4.91 20.78
C LEU A 856 3.92 4.20 20.84
N TYR A 857 3.39 3.86 19.67
CA TYR A 857 2.13 3.13 19.58
C TYR A 857 2.38 1.63 19.81
N PRO A 858 1.45 0.97 20.52
CA PRO A 858 1.61 -0.45 20.87
C PRO A 858 1.57 -1.38 19.66
N THR A 859 2.26 -2.51 19.76
CA THR A 859 2.28 -3.55 18.74
C THR A 859 1.54 -4.79 19.27
N GLU A 860 0.80 -4.59 20.35
CA GLU A 860 0.13 -5.66 21.06
C GLU A 860 -1.35 -5.31 21.17
N ALA A 861 -2.20 -6.23 20.71
CA ALA A 861 -3.66 -6.05 20.80
C ALA A 861 -4.16 -6.22 22.24
N SER A 862 -5.37 -5.73 22.51
CA SER A 862 -5.96 -5.82 23.85
C SER A 862 -6.72 -7.15 24.07
N ASN A 863 -7.11 -7.40 25.31
CA ASN A 863 -7.88 -8.60 25.70
C ASN A 863 -9.38 -8.35 25.81
N GLU A 864 -9.85 -7.20 25.32
CA GLU A 864 -11.25 -6.81 25.44
C GLU A 864 -12.17 -7.85 24.83
N ASN A 865 -13.31 -8.04 25.49
CA ASN A 865 -14.30 -9.04 25.13
C ASN A 865 -15.26 -8.45 24.11
N LEU A 866 -15.17 -8.91 22.86
CA LEU A 866 -16.02 -8.42 21.77
C LEU A 866 -17.52 -8.62 22.01
N GLY A 867 -17.87 -9.74 22.64
CA GLY A 867 -19.25 -10.01 23.06
C GLY A 867 -19.77 -8.96 24.03
N GLU A 868 -18.94 -8.61 25.01
CA GLU A 868 -19.30 -7.57 26.00
C GLU A 868 -19.32 -6.18 25.36
N LEU A 869 -18.39 -5.93 24.45
CA LEU A 869 -18.36 -4.69 23.69
C LEU A 869 -19.60 -4.52 22.80
N ALA A 870 -20.04 -5.62 22.19
CA ALA A 870 -21.27 -5.65 21.38
C ALA A 870 -22.52 -5.32 22.19
N LYS A 871 -22.61 -5.85 23.38
CA LYS A 871 -23.64 -5.54 24.32
C LYS A 871 -23.77 -4.08 24.64
N ILE A 872 -22.67 -3.45 24.96
CA ILE A 872 -22.59 -1.99 25.18
C ILE A 872 -23.05 -1.21 23.93
N ALA A 873 -22.58 -1.63 22.76
CA ALA A 873 -22.97 -0.98 21.49
C ALA A 873 -24.47 -1.05 21.26
N MET A 874 -25.06 -2.22 21.45
CA MET A 874 -26.50 -2.42 21.24
C MET A 874 -27.34 -1.61 22.23
N GLU A 875 -26.92 -1.61 23.47
CA GLU A 875 -27.60 -0.93 24.53
C GLU A 875 -27.56 0.58 24.42
N SER A 876 -26.37 1.12 24.13
CA SER A 876 -26.10 2.54 24.34
C SER A 876 -25.95 3.27 23.01
N TYR A 877 -25.54 2.54 21.98
CA TYR A 877 -24.78 3.12 20.87
C TYR A 877 -25.25 2.58 19.53
N SER A 878 -26.55 2.28 19.45
CA SER A 878 -27.10 1.61 18.27
C SER A 878 -28.21 2.40 17.59
N VAL A 879 -28.55 2.00 16.37
CA VAL A 879 -29.70 2.54 15.64
C VAL A 879 -30.99 1.94 16.19
N THR A 880 -30.95 0.65 16.52
CA THR A 880 -32.10 -0.09 17.06
C THR A 880 -32.72 0.58 18.29
N ASN A 881 -31.88 0.93 19.26
CA ASN A 881 -32.34 1.52 20.52
C ASN A 881 -32.13 3.03 20.61
N MET A 882 -31.87 3.65 19.46
CA MET A 882 -31.53 5.08 19.34
C MET A 882 -32.56 6.05 19.92
N ASP A 883 -33.84 5.68 19.84
CA ASP A 883 -34.91 6.52 20.38
C ASP A 883 -34.93 6.53 21.91
N LYS A 884 -34.63 5.38 22.51
CA LYS A 884 -34.50 5.26 23.97
C LYS A 884 -33.18 5.87 24.45
N ILE A 885 -32.15 5.80 23.61
CA ILE A 885 -30.84 6.38 23.91
C ILE A 885 -30.86 7.90 23.78
N LEU A 886 -31.48 8.36 22.71
CA LEU A 886 -31.47 9.74 22.20
C LEU A 886 -30.13 10.26 21.71
N GLY A 887 -29.38 10.91 22.44
#